data_3WS3
#
_entry.id   3WS3
#
_cell.length_a   87.220
_cell.length_b   101.130
_cell.length_c   117.540
_cell.angle_alpha   90.000
_cell.angle_beta   90.000
_cell.angle_gamma   90.000
#
_symmetry.space_group_name_H-M   'P 21 21 21'
#
loop_
_entity.id
_entity.type
_entity.pdbx_description
1 polymer 'H-2 class I histocompatibility antigen, D-B alpha chain'
2 polymer Beta-2-microglobulin
3 polymer 'Insulin derived 9-mer peptide'
4 water water
#
loop_
_entity_poly.entity_id
_entity_poly.type
_entity_poly.pdbx_seq_one_letter_code
_entity_poly.pdbx_strand_id
1 'polypeptide(L)'
;PHSMRYFETAVSRPGLEEPRYISVGYVDNKEFVRFDSDAENPRYEPRAPWMEQEGPEYWERETQKAKGQEQWFRVSLRNL
LGYYNQSAGGSHTLQQMSGCDLGSDWRLLRGYLQFAYEGRDYIALNEDLKTWTAADMAAQITRRKWEQSGAAEHYKAYLE
GECVEWLHRYLKNGNATLLRTDSPKAHVTHHPRSKGEVTLRCWALGFYPADITLTWQLNGEELTQDMELVETRPAGDGTF
QKWASVVVPLGKEQNYTCRVYHEGLPEPLTLRW
;
A,C
2 'polypeptide(L)'
;MIQKTPQIQVYSRHPPENGKPNILNCYVTQFHPPHIEIQMLKNGKKIPKVEMSDMSFSKDWSFYILAHTEFTPTETDTYA
CRVKHDSMAEPKTVYWDRDM
;
B,D
3 'polypeptide(L)' YQLENYCGL E,F
#
# COMPACT_ATOMS: atom_id res chain seq x y z
N PRO A 1 -5.81 -1.79 -6.24
CA PRO A 1 -6.09 -1.56 -4.81
C PRO A 1 -7.57 -1.30 -4.53
N HIS A 2 -8.25 -2.25 -3.86
CA HIS A 2 -9.70 -2.14 -3.70
C HIS A 2 -10.25 -2.47 -2.31
N SER A 3 -11.54 -2.26 -2.14
CA SER A 3 -12.14 -2.47 -0.84
C SER A 3 -13.63 -2.71 -0.90
N MET A 4 -14.12 -3.49 0.05
CA MET A 4 -15.56 -3.56 0.32
C MET A 4 -15.81 -3.27 1.79
N ARG A 5 -16.91 -2.57 2.07
CA ARG A 5 -17.30 -2.28 3.45
C ARG A 5 -18.79 -2.22 3.65
N TYR A 6 -19.27 -2.77 4.76
CA TYR A 6 -20.60 -2.46 5.26
C TYR A 6 -20.52 -1.61 6.53
N PHE A 7 -21.31 -0.57 6.53
CA PHE A 7 -21.44 0.36 7.62
C PHE A 7 -22.84 0.17 8.16
N GLU A 8 -22.94 -0.11 9.46
CA GLU A 8 -24.23 -0.43 10.05
C GLU A 8 -24.52 0.42 11.25
N THR A 9 -25.78 0.77 11.41
CA THR A 9 -26.21 1.62 12.49
C THR A 9 -27.55 1.12 12.97
N ALA A 10 -27.71 1.00 14.29
CA ALA A 10 -29.03 0.87 14.90
C ALA A 10 -29.20 1.98 15.90
N VAL A 11 -30.40 2.59 15.92
CA VAL A 11 -30.65 3.73 16.80
C VAL A 11 -31.93 3.50 17.62
N SER A 12 -31.82 3.53 18.94
CA SER A 12 -32.97 3.24 19.79
C SER A 12 -33.86 4.47 20.01
N ARG A 13 -35.17 4.24 20.07
CA ARG A 13 -36.16 5.31 20.19
C ARG A 13 -36.94 5.22 21.50
N PRO A 14 -37.45 6.38 21.96
CA PRO A 14 -38.35 6.41 23.13
C PRO A 14 -39.71 5.78 22.82
N GLY A 15 -40.19 4.89 23.69
CA GLY A 15 -41.49 4.27 23.49
C GLY A 15 -41.43 3.12 22.50
N LEU A 16 -41.15 3.44 21.24
CA LEU A 16 -40.94 2.43 20.21
C LEU A 16 -39.87 1.48 20.68
N GLU A 17 -40.28 0.26 21.03
CA GLU A 17 -39.32 -0.68 21.57
C GLU A 17 -38.31 -1.12 20.49
N GLU A 18 -38.71 -1.07 19.21
CA GLU A 18 -37.79 -1.29 18.09
C GLU A 18 -36.98 -0.11 17.51
N PRO A 19 -35.63 -0.23 17.51
CA PRO A 19 -34.69 0.70 16.88
C PRO A 19 -34.78 0.81 15.36
N ARG A 20 -34.18 1.87 14.81
CA ARG A 20 -34.03 2.03 13.36
C ARG A 20 -32.69 1.51 12.92
N TYR A 21 -32.72 0.52 12.03
CA TYR A 21 -31.52 -0.12 11.52
C TYR A 21 -31.26 0.32 10.09
N ILE A 22 -30.16 1.01 9.88
CA ILE A 22 -29.69 1.38 8.56
C ILE A 22 -28.36 0.68 8.24
N SER A 23 -28.26 0.15 7.03
CA SER A 23 -27.11 -0.62 6.58
C SER A 23 -26.69 -0.20 5.17
N VAL A 24 -25.48 0.33 5.03
CA VAL A 24 -24.96 0.74 3.74
C VAL A 24 -23.78 -0.11 3.34
N GLY A 25 -23.68 -0.45 2.05
CA GLY A 25 -22.56 -1.22 1.55
C GLY A 25 -21.81 -0.44 0.48
N TYR A 26 -20.49 -0.40 0.60
CA TYR A 26 -19.58 0.34 -0.28
C TYR A 26 -18.62 -0.59 -0.99
N VAL A 27 -18.36 -0.31 -2.27
CA VAL A 27 -17.21 -0.90 -2.97
C VAL A 27 -16.33 0.27 -3.40
N ASP A 28 -15.07 0.21 -2.97
CA ASP A 28 -14.09 1.26 -3.21
C ASP A 28 -14.60 2.61 -2.71
N ASN A 29 -15.10 2.60 -1.49
CA ASN A 29 -15.65 3.77 -0.84
C ASN A 29 -16.80 4.40 -1.62
N LYS A 30 -17.44 3.63 -2.50
CA LYS A 30 -18.64 4.11 -3.20
C LYS A 30 -19.89 3.29 -2.82
N GLU A 31 -20.99 3.96 -2.47
CA GLU A 31 -22.23 3.27 -2.08
C GLU A 31 -22.75 2.37 -3.21
N PHE A 32 -23.24 1.16 -2.89
CA PHE A 32 -23.90 0.32 -3.89
C PHE A 32 -25.15 -0.42 -3.39
N VAL A 33 -25.29 -0.63 -2.08
CA VAL A 33 -26.56 -1.13 -1.51
C VAL A 33 -26.89 -0.44 -0.20
N ARG A 34 -28.18 -0.34 0.09
CA ARG A 34 -28.60 0.37 1.30
C ARG A 34 -29.88 -0.22 1.84
N PHE A 35 -29.97 -0.32 3.16
CA PHE A 35 -31.15 -0.89 3.81
C PHE A 35 -31.58 0.07 4.90
N ASP A 36 -32.87 0.35 4.97
CA ASP A 36 -33.34 1.26 5.97
C ASP A 36 -34.65 0.71 6.47
N SER A 37 -34.61 0.20 7.69
CA SER A 37 -35.76 -0.31 8.38
C SER A 37 -36.97 0.65 8.42
N ASP A 38 -36.78 1.95 8.14
CA ASP A 38 -37.92 2.88 8.16
C ASP A 38 -38.66 2.98 6.84
N ALA A 39 -38.19 2.29 5.81
CA ALA A 39 -38.94 2.15 4.57
C ALA A 39 -40.19 1.30 4.84
N GLU A 40 -41.26 1.47 4.06
CA GLU A 40 -42.51 0.76 4.37
C GLU A 40 -42.35 -0.75 4.18
N ASN A 41 -41.76 -1.18 3.07
CA ASN A 41 -41.39 -2.58 2.93
C ASN A 41 -39.89 -2.65 2.71
N PRO A 42 -39.15 -2.71 3.82
CA PRO A 42 -37.70 -2.63 3.88
C PRO A 42 -37.02 -3.66 3.02
N ARG A 43 -36.10 -3.20 2.19
CA ARG A 43 -35.38 -4.07 1.27
C ARG A 43 -34.06 -3.40 0.84
N TYR A 44 -33.05 -4.22 0.53
CA TYR A 44 -31.83 -3.70 -0.08
C TYR A 44 -32.12 -3.13 -1.46
N GLU A 45 -31.52 -2.00 -1.74
CA GLU A 45 -31.74 -1.38 -3.01
C GLU A 45 -30.37 -1.11 -3.60
N PRO A 46 -30.24 -1.33 -4.92
CA PRO A 46 -29.08 -0.91 -5.68
C PRO A 46 -28.87 0.60 -5.51
N ARG A 47 -27.62 1.03 -5.44
CA ARG A 47 -27.28 2.45 -5.31
C ARG A 47 -26.44 2.91 -6.49
N ALA A 48 -26.22 1.99 -7.42
CA ALA A 48 -25.36 2.24 -8.56
C ALA A 48 -25.83 1.36 -9.70
N PRO A 49 -25.71 1.84 -10.94
CA PRO A 49 -26.16 1.12 -12.14
C PRO A 49 -25.75 -0.36 -12.20
N TRP A 50 -24.50 -0.65 -11.84
CA TRP A 50 -23.95 -1.97 -12.07
C TRP A 50 -24.50 -3.01 -11.10
N MET A 51 -25.25 -2.56 -10.09
CA MET A 51 -25.86 -3.53 -9.23
C MET A 51 -27.15 -4.04 -9.81
N GLU A 52 -27.70 -3.35 -10.80
CA GLU A 52 -29.05 -3.78 -11.21
C GLU A 52 -29.01 -5.03 -12.08
N GLN A 53 -27.84 -5.62 -12.26
CA GLN A 53 -27.79 -6.85 -13.04
C GLN A 53 -27.93 -8.06 -12.14
N GLU A 54 -27.54 -7.89 -10.89
CA GLU A 54 -27.79 -8.92 -9.89
C GLU A 54 -29.29 -9.18 -9.87
N GLY A 55 -29.68 -10.46 -9.85
CA GLY A 55 -31.08 -10.84 -10.01
C GLY A 55 -31.83 -11.03 -8.70
N PRO A 56 -33.15 -11.26 -8.79
CA PRO A 56 -34.10 -11.31 -7.67
C PRO A 56 -33.61 -12.06 -6.43
N GLU A 57 -32.97 -13.20 -6.65
N GLU A 57 -32.97 -13.21 -6.61
CA GLU A 57 -32.47 -14.04 -5.55
CA GLU A 57 -32.52 -13.99 -5.44
C GLU A 57 -31.43 -13.30 -4.70
C GLU A 57 -31.41 -13.28 -4.66
N TYR A 58 -30.59 -12.51 -5.35
CA TYR A 58 -29.57 -11.71 -4.65
C TYR A 58 -30.25 -10.82 -3.60
N TRP A 59 -31.23 -10.06 -4.08
CA TRP A 59 -31.91 -9.10 -3.25
C TRP A 59 -32.71 -9.77 -2.14
N GLU A 60 -33.38 -10.88 -2.48
CA GLU A 60 -34.07 -11.63 -1.44
C GLU A 60 -33.10 -12.04 -0.32
N ARG A 61 -31.99 -12.69 -0.69
CA ARG A 61 -31.09 -13.24 0.28
C ARG A 61 -30.54 -12.11 1.15
N GLU A 62 -30.00 -11.10 0.49
CA GLU A 62 -29.33 -10.03 1.21
C GLU A 62 -30.29 -9.25 2.12
N THR A 63 -31.54 -9.10 1.68
CA THR A 63 -32.57 -8.47 2.48
C THR A 63 -32.90 -9.28 3.72
N GLN A 64 -32.98 -10.60 3.54
CA GLN A 64 -33.18 -11.48 4.69
C GLN A 64 -32.04 -11.31 5.70
N LYS A 65 -30.81 -11.21 5.21
CA LYS A 65 -29.65 -11.01 6.10
C LYS A 65 -29.66 -9.64 6.76
N ALA A 66 -30.16 -8.65 6.04
CA ALA A 66 -30.32 -7.36 6.65
C ALA A 66 -31.24 -7.53 7.87
N LYS A 67 -32.34 -8.24 7.68
CA LYS A 67 -33.29 -8.41 8.77
C LYS A 67 -32.68 -9.19 9.96
N GLY A 68 -31.84 -10.19 9.65
CA GLY A 68 -31.16 -10.93 10.70
C GLY A 68 -30.30 -10.00 11.53
N GLN A 69 -29.55 -9.16 10.82
CA GLN A 69 -28.64 -8.26 11.50
C GLN A 69 -29.42 -7.28 12.35
N GLU A 70 -30.50 -6.76 11.79
CA GLU A 70 -31.38 -5.87 12.53
C GLU A 70 -31.76 -6.51 13.86
N GLN A 71 -32.17 -7.78 13.82
CA GLN A 71 -32.53 -8.43 15.07
C GLN A 71 -31.33 -8.47 16.03
N TRP A 72 -30.17 -8.76 15.46
CA TRP A 72 -28.93 -8.81 16.24
C TRP A 72 -28.59 -7.47 16.91
N PHE A 73 -28.88 -6.38 16.22
CA PHE A 73 -28.66 -5.07 16.82
C PHE A 73 -29.68 -4.80 17.90
N ARG A 74 -30.91 -5.26 17.69
CA ARG A 74 -31.92 -5.14 18.75
C ARG A 74 -31.43 -5.76 20.04
N VAL A 75 -31.06 -7.03 19.94
CA VAL A 75 -30.59 -7.73 21.11
C VAL A 75 -29.36 -7.04 21.71
N SER A 76 -28.38 -6.66 20.89
CA SER A 76 -27.16 -6.12 21.47
C SER A 76 -27.35 -4.71 22.07
N LEU A 77 -28.26 -3.91 21.53
CA LEU A 77 -28.57 -2.60 22.12
C LEU A 77 -29.20 -2.85 23.46
N ARG A 78 -30.09 -3.84 23.44
CA ARG A 78 -30.86 -4.16 24.63
C ARG A 78 -29.91 -4.56 25.75
N ASN A 79 -28.96 -5.43 25.44
CA ASN A 79 -27.95 -5.86 26.42
C ASN A 79 -27.03 -4.72 26.88
N LEU A 80 -26.50 -3.98 25.91
CA LEU A 80 -25.64 -2.84 26.21
C LEU A 80 -26.28 -1.98 27.29
N LEU A 81 -27.56 -1.66 27.08
CA LEU A 81 -28.37 -0.98 28.09
C LEU A 81 -28.13 -1.44 29.52
N GLY A 82 -28.08 -2.74 29.71
CA GLY A 82 -27.84 -3.31 31.01
C GLY A 82 -26.38 -3.22 31.40
N TYR A 83 -25.48 -3.47 30.46
CA TYR A 83 -24.05 -3.39 30.74
C TYR A 83 -23.74 -2.05 31.38
N TYR A 84 -24.28 -0.97 30.79
CA TYR A 84 -23.98 0.40 31.25
C TYR A 84 -25.05 1.01 32.15
N ASN A 85 -26.05 0.22 32.53
CA ASN A 85 -27.13 0.66 33.42
C ASN A 85 -27.86 1.90 32.90
N GLN A 86 -28.02 1.99 31.59
CA GLN A 86 -28.67 3.17 31.00
C GLN A 86 -30.19 3.15 31.22
N SER A 87 -30.79 4.32 31.42
CA SER A 87 -32.22 4.42 31.68
C SER A 87 -33.03 3.91 30.48
N ALA A 88 -34.26 3.49 30.75
CA ALA A 88 -35.18 3.10 29.67
C ALA A 88 -35.72 4.34 28.97
N GLY A 89 -36.00 4.22 27.67
CA GLY A 89 -36.61 5.31 26.92
C GLY A 89 -35.67 6.41 26.46
N GLY A 90 -34.36 6.14 26.49
CA GLY A 90 -33.38 7.09 26.00
C GLY A 90 -33.22 6.94 24.50
N SER A 91 -32.19 7.59 23.94
CA SER A 91 -31.78 7.28 22.57
C SER A 91 -30.31 6.86 22.58
N HIS A 92 -30.02 5.74 21.92
CA HIS A 92 -28.71 5.12 21.95
C HIS A 92 -28.39 4.54 20.61
N THR A 93 -27.12 4.65 20.19
CA THR A 93 -26.69 4.15 18.89
C THR A 93 -25.62 3.07 18.98
N LEU A 94 -25.86 1.98 18.25
CA LEU A 94 -24.86 0.93 18.06
C LEU A 94 -24.42 0.90 16.58
N GLN A 95 -23.12 0.90 16.35
CA GLN A 95 -22.59 0.92 14.98
C GLN A 95 -21.52 -0.14 14.72
N GLN A 96 -21.48 -0.62 13.48
CA GLN A 96 -20.47 -1.60 13.13
C GLN A 96 -19.85 -1.28 11.78
N MET A 97 -18.53 -1.37 11.71
CA MET A 97 -17.84 -1.31 10.42
C MET A 97 -17.29 -2.67 10.11
N SER A 98 -17.43 -3.12 8.87
CA SER A 98 -16.81 -4.40 8.51
C SER A 98 -16.45 -4.47 7.04
N GLY A 99 -15.55 -5.39 6.69
CA GLY A 99 -15.20 -5.57 5.30
C GLY A 99 -13.75 -5.91 5.10
N CYS A 100 -13.25 -5.69 3.89
CA CYS A 100 -11.92 -6.15 3.53
C CYS A 100 -11.26 -5.23 2.52
N ASP A 101 -9.93 -5.14 2.62
CA ASP A 101 -9.06 -4.44 1.68
C ASP A 101 -8.26 -5.45 0.88
N LEU A 102 -8.32 -5.31 -0.45
CA LEU A 102 -7.52 -6.08 -1.40
C LEU A 102 -6.36 -5.29 -1.99
N GLY A 103 -5.19 -5.93 -2.09
CA GLY A 103 -4.04 -5.36 -2.80
C GLY A 103 -4.33 -5.21 -4.28
N SER A 104 -3.30 -4.94 -5.08
CA SER A 104 -3.50 -4.72 -6.51
C SER A 104 -3.57 -6.06 -7.26
N ASP A 105 -2.80 -7.06 -6.80
CA ASP A 105 -3.20 -8.45 -7.06
C ASP A 105 -4.49 -8.56 -6.26
N TRP A 106 -5.48 -9.30 -6.69
CA TRP A 106 -6.71 -9.15 -5.92
C TRP A 106 -6.72 -9.99 -4.64
N ARG A 107 -5.60 -9.96 -3.91
CA ARG A 107 -5.44 -10.77 -2.70
C ARG A 107 -5.85 -9.92 -1.51
N LEU A 108 -6.24 -10.57 -0.43
CA LEU A 108 -6.59 -9.88 0.80
C LEU A 108 -5.36 -9.18 1.35
N LEU A 109 -5.45 -7.87 1.54
CA LEU A 109 -4.48 -7.14 2.37
C LEU A 109 -4.91 -7.16 3.85
N ARG A 110 -6.15 -6.77 4.12
CA ARG A 110 -6.57 -6.69 5.52
C ARG A 110 -8.06 -6.86 5.69
N GLY A 111 -8.47 -7.53 6.75
CA GLY A 111 -9.87 -7.67 7.10
C GLY A 111 -10.19 -6.77 8.29
N TYR A 112 -11.41 -6.24 8.32
CA TYR A 112 -11.82 -5.26 9.33
C TYR A 112 -13.15 -5.59 9.97
N LEU A 113 -13.20 -5.56 11.31
CA LEU A 113 -14.46 -5.64 12.06
C LEU A 113 -14.39 -4.77 13.33
N GLN A 114 -15.21 -3.72 13.39
CA GLN A 114 -15.28 -2.86 14.59
C GLN A 114 -16.72 -2.56 15.01
N PHE A 115 -16.89 -2.40 16.32
CA PHE A 115 -18.15 -2.04 16.94
C PHE A 115 -17.94 -0.85 17.85
N ALA A 116 -18.85 0.10 17.74
CA ALA A 116 -18.86 1.28 18.60
C ALA A 116 -20.23 1.48 19.15
N TYR A 117 -20.23 2.05 20.36
CA TYR A 117 -21.47 2.31 21.06
C TYR A 117 -21.50 3.74 21.57
N GLU A 118 -22.63 4.38 21.30
CA GLU A 118 -22.76 5.80 21.54
C GLU A 118 -21.62 6.53 20.86
N GLY A 119 -21.29 6.08 19.65
CA GLY A 119 -20.23 6.69 18.88
C GLY A 119 -18.86 6.52 19.48
N ARG A 120 -18.72 5.62 20.46
CA ARG A 120 -17.38 5.32 20.98
C ARG A 120 -16.94 3.88 20.71
N ASP A 121 -15.69 3.73 20.26
CA ASP A 121 -15.02 2.43 20.18
C ASP A 121 -15.44 1.53 21.34
N TYR A 122 -16.02 0.38 20.99
CA TYR A 122 -16.39 -0.65 21.95
C TYR A 122 -15.41 -1.81 21.79
N ILE A 123 -15.51 -2.52 20.66
CA ILE A 123 -14.62 -3.66 20.50
C ILE A 123 -14.24 -3.82 19.04
N ALA A 124 -13.08 -4.43 18.80
CA ALA A 124 -12.57 -4.56 17.44
C ALA A 124 -11.71 -5.81 17.29
N LEU A 125 -11.74 -6.35 16.07
CA LEU A 125 -10.93 -7.49 15.72
C LEU A 125 -9.55 -7.02 15.30
N ASN A 126 -8.49 -7.60 15.86
CA ASN A 126 -7.14 -7.19 15.45
C ASN A 126 -6.86 -7.67 14.03
N GLU A 127 -5.86 -7.06 13.39
CA GLU A 127 -5.50 -7.37 12.01
C GLU A 127 -5.07 -8.84 11.86
N ASP A 128 -4.80 -9.50 12.99
CA ASP A 128 -4.48 -10.91 12.93
C ASP A 128 -5.73 -11.74 12.75
N LEU A 129 -6.89 -11.10 12.82
CA LEU A 129 -8.17 -11.80 12.67
C LEU A 129 -8.33 -12.93 13.67
N LYS A 130 -7.52 -12.95 14.72
CA LYS A 130 -7.64 -13.99 15.73
C LYS A 130 -8.01 -13.41 17.09
N THR A 131 -7.49 -12.24 17.41
CA THR A 131 -7.76 -11.69 18.73
C THR A 131 -8.42 -10.30 18.73
N TRP A 132 -8.81 -9.87 19.92
CA TRP A 132 -9.65 -8.69 20.06
C TRP A 132 -9.06 -7.59 20.93
N THR A 133 -9.59 -6.37 20.75
CA THR A 133 -9.21 -5.20 21.54
C THR A 133 -10.47 -4.57 22.05
N ALA A 134 -10.55 -4.43 23.38
CA ALA A 134 -11.73 -3.89 24.07
C ALA A 134 -11.42 -2.54 24.67
N ALA A 135 -12.37 -1.62 24.56
CA ALA A 135 -12.12 -0.23 24.93
C ALA A 135 -12.31 0.00 26.43
N ASP A 136 -13.41 -0.49 26.96
CA ASP A 136 -13.65 -0.41 28.39
C ASP A 136 -14.05 -1.77 28.95
N MET A 137 -14.34 -1.79 30.24
CA MET A 137 -14.67 -3.01 30.97
C MET A 137 -15.81 -3.81 30.34
N ALA A 138 -16.86 -3.10 29.88
CA ALA A 138 -18.04 -3.73 29.25
C ALA A 138 -17.60 -4.57 28.08
N ALA A 139 -16.89 -3.86 27.21
CA ALA A 139 -16.28 -4.51 26.10
C ALA A 139 -15.31 -5.59 26.53
N GLN A 140 -14.75 -5.60 27.73
CA GLN A 140 -13.84 -6.71 27.88
C GLN A 140 -14.71 -7.89 28.21
N ILE A 141 -15.79 -7.70 28.95
CA ILE A 141 -16.67 -8.86 29.19
C ILE A 141 -17.09 -9.45 27.83
N THR A 142 -17.43 -8.56 26.89
CA THR A 142 -17.68 -9.04 25.53
C THR A 142 -16.48 -9.87 25.01
N ARG A 143 -15.34 -9.20 24.86
CA ARG A 143 -14.09 -9.85 24.43
C ARG A 143 -13.91 -11.25 25.02
N ARG A 144 -14.05 -11.34 26.33
CA ARG A 144 -13.87 -12.56 27.08
C ARG A 144 -14.82 -13.63 26.56
N LYS A 145 -16.11 -13.29 26.47
CA LYS A 145 -17.08 -14.27 25.96
C LYS A 145 -16.71 -14.73 24.55
N TRP A 146 -16.43 -13.78 23.67
CA TRP A 146 -16.18 -14.11 22.28
C TRP A 146 -14.93 -14.99 22.12
N GLU A 147 -13.88 -14.70 22.88
CA GLU A 147 -12.64 -15.44 22.71
C GLU A 147 -12.83 -16.83 23.30
N GLN A 148 -13.69 -16.94 24.32
CA GLN A 148 -14.09 -18.27 24.79
C GLN A 148 -14.92 -19.06 23.75
N SER A 149 -15.73 -18.36 22.95
CA SER A 149 -16.57 -19.07 21.98
C SER A 149 -15.94 -19.19 20.59
N GLY A 150 -14.80 -18.55 20.39
CA GLY A 150 -14.15 -18.56 19.10
C GLY A 150 -14.93 -17.90 17.97
N ALA A 151 -15.51 -16.73 18.23
CA ALA A 151 -16.26 -16.00 17.20
C ALA A 151 -15.34 -15.45 16.11
N ALA A 152 -14.08 -15.27 16.51
CA ALA A 152 -13.09 -14.74 15.60
C ALA A 152 -12.92 -15.66 14.42
N GLU A 153 -13.08 -16.97 14.61
CA GLU A 153 -12.94 -17.93 13.51
C GLU A 153 -14.05 -17.72 12.46
N HIS A 154 -15.25 -17.40 12.94
CA HIS A 154 -16.36 -16.97 12.06
C HIS A 154 -16.03 -15.72 11.25
N TYR A 155 -15.69 -14.64 11.95
CA TYR A 155 -15.42 -13.42 11.19
C TYR A 155 -14.20 -13.59 10.24
N LYS A 156 -13.20 -14.37 10.65
CA LYS A 156 -12.01 -14.63 9.84
C LYS A 156 -12.36 -15.41 8.58
N ALA A 157 -13.23 -16.40 8.74
CA ALA A 157 -13.75 -17.12 7.57
C ALA A 157 -14.52 -16.18 6.64
N TYR A 158 -15.25 -15.20 7.18
CA TYR A 158 -15.95 -14.27 6.27
C TYR A 158 -15.00 -13.33 5.52
N LEU A 159 -14.02 -12.78 6.24
CA LEU A 159 -13.11 -11.79 5.68
C LEU A 159 -12.16 -12.42 4.68
N GLU A 160 -11.75 -13.66 4.94
CA GLU A 160 -10.85 -14.33 4.02
C GLU A 160 -11.60 -15.07 2.94
N GLY A 161 -12.85 -15.45 3.22
CA GLY A 161 -13.65 -16.14 2.24
C GLY A 161 -14.57 -15.24 1.42
N GLU A 162 -15.82 -15.09 1.87
CA GLU A 162 -16.88 -14.52 1.05
C GLU A 162 -16.67 -13.04 0.74
N CYS A 163 -15.98 -12.31 1.62
CA CYS A 163 -15.81 -10.87 1.43
C CYS A 163 -14.92 -10.65 0.18
N VAL A 164 -13.85 -11.42 0.08
CA VAL A 164 -12.96 -11.32 -1.07
C VAL A 164 -13.65 -11.78 -2.35
N GLU A 165 -14.31 -12.94 -2.29
CA GLU A 165 -14.95 -13.56 -3.45
C GLU A 165 -16.02 -12.65 -4.04
N TRP A 166 -16.93 -12.25 -3.18
CA TRP A 166 -17.99 -11.36 -3.60
C TRP A 166 -17.43 -10.00 -4.05
N LEU A 167 -16.41 -9.46 -3.37
CA LEU A 167 -15.76 -8.24 -3.89
C LEU A 167 -15.25 -8.47 -5.30
N HIS A 168 -14.81 -9.70 -5.60
CA HIS A 168 -14.31 -9.97 -6.94
C HIS A 168 -15.47 -9.91 -7.92
N ARG A 169 -16.59 -10.53 -7.56
CA ARG A 169 -17.78 -10.47 -8.43
C ARG A 169 -18.10 -9.02 -8.74
N TYR A 170 -18.15 -8.22 -7.68
CA TYR A 170 -18.56 -6.82 -7.74
C TYR A 170 -17.64 -6.00 -8.61
N LEU A 171 -16.33 -6.16 -8.42
CA LEU A 171 -15.34 -5.49 -9.25
C LEU A 171 -15.51 -5.85 -10.71
N LYS A 172 -15.61 -7.15 -11.00
CA LYS A 172 -15.86 -7.61 -12.36
C LYS A 172 -17.08 -6.92 -12.97
N ASN A 173 -18.17 -6.84 -12.20
CA ASN A 173 -19.37 -6.16 -12.68
C ASN A 173 -19.28 -4.63 -12.73
N GLY A 174 -18.15 -4.07 -12.29
CA GLY A 174 -17.96 -2.63 -12.30
C GLY A 174 -17.37 -2.13 -13.60
N LEU A 178 -10.96 0.13 -15.47
CA LEU A 178 -10.34 -0.41 -14.27
C LEU A 178 -9.37 0.57 -13.59
N LEU A 179 -9.66 1.88 -13.66
CA LEU A 179 -9.28 2.82 -12.55
C LEU A 179 -9.76 4.30 -12.76
N ARG A 180 -9.67 5.10 -11.69
CA ARG A 180 -10.62 6.18 -11.41
C ARG A 180 -10.08 7.63 -11.54
N THR A 181 -9.33 8.07 -10.51
CA THR A 181 -8.79 9.43 -10.23
C THR A 181 -9.07 10.68 -11.10
N ASP A 182 -9.27 11.80 -10.38
CA ASP A 182 -9.27 13.16 -10.95
C ASP A 182 -8.27 14.04 -10.18
N SER A 183 -7.53 14.90 -10.89
CA SER A 183 -6.44 15.64 -10.26
C SER A 183 -6.87 17.04 -9.86
N PRO A 184 -6.29 17.54 -8.76
CA PRO A 184 -6.70 18.89 -8.31
C PRO A 184 -6.33 19.98 -9.31
N LYS A 185 -7.32 20.68 -9.82
CA LYS A 185 -7.02 21.92 -10.50
C LYS A 185 -6.85 22.93 -9.36
N ALA A 186 -5.76 23.70 -9.38
CA ALA A 186 -5.38 24.46 -8.19
C ALA A 186 -4.98 25.91 -8.46
N HIS A 187 -5.16 26.81 -7.48
CA HIS A 187 -4.67 28.21 -7.59
C HIS A 187 -4.67 28.97 -6.25
N VAL A 188 -3.81 29.98 -6.11
CA VAL A 188 -3.74 30.80 -4.90
C VAL A 188 -4.51 32.12 -5.03
N THR A 189 -5.29 32.49 -4.01
CA THR A 189 -5.98 33.79 -3.98
C THR A 189 -5.39 34.73 -2.93
N HIS A 190 -5.62 36.02 -3.15
CA HIS A 190 -5.00 37.14 -2.42
C HIS A 190 -6.08 37.88 -1.61
N HIS A 191 -5.88 38.07 -0.30
CA HIS A 191 -6.92 38.65 0.56
C HIS A 191 -6.41 39.57 1.70
N PRO A 192 -6.35 40.90 1.47
CA PRO A 192 -5.77 41.88 2.40
C PRO A 192 -6.30 41.81 3.84
N ARG A 193 -5.48 41.34 4.77
CA ARG A 193 -5.94 41.12 6.14
C ARG A 193 -6.14 42.43 6.89
N SER A 194 -5.04 43.15 7.15
CA SER A 194 -5.08 44.49 7.74
C SER A 194 -3.68 45.12 7.73
N GLU A 197 -1.42 43.74 6.19
CA GLU A 197 -1.16 42.32 5.93
C GLU A 197 -2.17 41.68 4.98
N VAL A 198 -1.78 40.54 4.42
CA VAL A 198 -2.58 39.91 3.39
C VAL A 198 -2.54 38.37 3.41
N THR A 199 -3.73 37.78 3.39
CA THR A 199 -3.92 36.34 3.39
C THR A 199 -3.70 35.73 2.00
N LEU A 200 -3.11 34.55 1.96
CA LEU A 200 -2.93 33.79 0.73
C LEU A 200 -3.62 32.44 0.87
N ARG A 201 -4.65 32.20 0.09
CA ARG A 201 -5.39 30.95 0.17
C ARG A 201 -5.03 30.03 -0.98
N CYS A 202 -4.42 28.89 -0.68
CA CYS A 202 -4.17 27.91 -1.73
C CYS A 202 -5.39 27.01 -1.93
N TRP A 203 -5.87 26.94 -3.17
CA TRP A 203 -7.10 26.25 -3.55
C TRP A 203 -6.84 25.00 -4.33
N ALA A 204 -7.53 23.92 -3.95
CA ALA A 204 -7.52 22.66 -4.69
C ALA A 204 -8.95 22.24 -4.98
N LEU A 205 -9.29 22.14 -6.27
CA LEU A 205 -10.68 21.86 -6.66
C LEU A 205 -10.81 20.70 -7.62
N GLY A 206 -11.96 20.04 -7.52
CA GLY A 206 -12.37 19.06 -8.50
C GLY A 206 -11.54 17.80 -8.55
N PHE A 207 -11.05 17.35 -7.39
CA PHE A 207 -10.25 16.13 -7.38
C PHE A 207 -10.98 14.93 -6.78
N TYR A 208 -10.53 13.75 -7.19
CA TYR A 208 -10.97 12.48 -6.62
C TYR A 208 -9.80 11.48 -6.70
N PRO A 209 -9.61 10.65 -5.65
CA PRO A 209 -10.41 10.62 -4.42
C PRO A 209 -10.14 11.80 -3.52
N ALA A 210 -10.64 11.69 -2.31
CA ALA A 210 -10.67 12.85 -1.42
C ALA A 210 -9.31 13.11 -0.78
N ASP A 211 -8.48 12.07 -0.61
CA ASP A 211 -7.19 12.22 0.07
C ASP A 211 -6.25 13.16 -0.68
N ILE A 212 -5.69 14.15 0.04
CA ILE A 212 -4.89 15.23 -0.56
C ILE A 212 -4.07 15.93 0.50
N THR A 213 -2.89 16.43 0.15
CA THR A 213 -2.17 17.27 1.10
C THR A 213 -1.80 18.58 0.45
N LEU A 214 -2.21 19.70 1.05
CA LEU A 214 -1.68 20.99 0.65
C LEU A 214 -0.71 21.40 1.74
N THR A 215 0.39 22.07 1.39
CA THR A 215 1.19 22.79 2.40
C THR A 215 1.85 24.08 1.85
N TRP A 216 2.26 24.98 2.75
CA TRP A 216 2.99 26.19 2.35
C TRP A 216 4.46 26.09 2.76
N GLN A 217 5.31 26.94 2.19
CA GLN A 217 6.74 26.84 2.43
C GLN A 217 7.42 28.21 2.43
N GLY A 220 12.66 28.75 2.01
CA GLY A 220 11.57 27.88 1.61
C GLY A 220 11.48 26.64 2.50
N GLU A 221 11.21 26.87 3.77
CA GLU A 221 11.13 25.78 4.73
C GLU A 221 9.67 25.47 5.07
N GLU A 222 9.36 24.17 5.10
CA GLU A 222 8.07 23.59 5.53
C GLU A 222 7.34 24.45 6.58
N LEU A 223 6.23 25.04 6.17
CA LEU A 223 5.56 26.06 6.98
C LEU A 223 4.72 25.44 8.08
N THR A 224 5.35 25.35 9.24
CA THR A 224 4.80 24.80 10.47
C THR A 224 3.30 25.08 10.69
N GLN A 225 2.96 26.22 11.26
CA GLN A 225 1.57 26.55 11.45
C GLN A 225 1.32 28.04 11.60
N ASP A 226 0.04 28.35 11.83
CA ASP A 226 -0.67 29.56 11.36
C ASP A 226 -1.19 29.17 9.99
N MET A 227 -1.03 27.88 9.69
CA MET A 227 -1.76 27.17 8.66
C MET A 227 -3.26 27.39 8.85
N GLU A 228 -3.95 27.83 7.81
CA GLU A 228 -5.42 27.83 7.84
C GLU A 228 -5.96 26.85 6.81
N LEU A 229 -6.66 25.81 7.26
CA LEU A 229 -7.15 24.76 6.39
C LEU A 229 -8.60 24.40 6.68
N VAL A 230 -9.28 23.83 5.69
CA VAL A 230 -10.62 23.34 5.93
C VAL A 230 -10.60 21.84 5.71
N GLU A 231 -11.52 21.12 6.35
CA GLU A 231 -11.62 19.69 6.12
C GLU A 231 -12.05 19.50 4.68
N THR A 232 -11.60 18.40 4.08
CA THR A 232 -11.86 18.18 2.68
C THR A 232 -13.37 18.09 2.50
N ARG A 233 -13.87 18.67 1.41
CA ARG A 233 -15.31 18.77 1.25
C ARG A 233 -15.70 18.40 -0.18
N PRO A 234 -16.89 17.80 -0.33
CA PRO A 234 -17.36 17.35 -1.65
C PRO A 234 -18.07 18.44 -2.44
N ALA A 235 -17.66 18.66 -3.69
CA ALA A 235 -18.37 19.62 -4.54
C ALA A 235 -19.78 19.13 -4.82
N GLY A 236 -20.00 17.81 -4.69
CA GLY A 236 -21.32 17.25 -4.89
C GLY A 236 -21.52 16.70 -6.29
N ASP A 237 -20.47 16.79 -7.11
CA ASP A 237 -20.52 16.29 -8.49
C ASP A 237 -19.72 15.01 -8.57
N GLY A 238 -19.13 14.64 -7.45
CA GLY A 238 -18.28 13.46 -7.38
C GLY A 238 -16.86 13.85 -7.02
N THR A 239 -16.54 15.12 -7.18
CA THR A 239 -15.21 15.62 -6.84
C THR A 239 -15.13 16.21 -5.42
N PHE A 240 -13.96 16.69 -5.04
CA PHE A 240 -13.80 17.29 -3.72
C PHE A 240 -13.09 18.63 -3.81
N GLN A 241 -13.09 19.36 -2.70
CA GLN A 241 -12.37 20.63 -2.59
C GLN A 241 -11.59 20.71 -1.27
N LYS A 242 -10.56 21.53 -1.24
CA LYS A 242 -9.89 21.86 0.01
C LYS A 242 -9.07 23.10 -0.24
N TRP A 243 -8.94 23.97 0.76
CA TRP A 243 -7.92 25.00 0.68
C TRP A 243 -7.07 25.10 1.94
N ALA A 244 -5.94 25.76 1.81
CA ALA A 244 -5.01 25.96 2.90
C ALA A 244 -4.41 27.35 2.79
N SER A 245 -4.63 28.21 3.79
CA SER A 245 -4.18 29.58 3.65
C SER A 245 -3.06 29.90 4.62
N VAL A 246 -2.41 31.03 4.37
CA VAL A 246 -1.43 31.55 5.30
C VAL A 246 -1.40 33.07 5.21
N VAL A 247 -1.38 33.72 6.37
CA VAL A 247 -1.36 35.17 6.40
C VAL A 247 0.09 35.68 6.34
N VAL A 248 0.38 36.50 5.34
CA VAL A 248 1.73 37.06 5.17
C VAL A 248 1.58 38.58 5.03
N PRO A 249 2.53 39.37 5.52
CA PRO A 249 2.34 40.78 5.11
C PRO A 249 2.80 41.11 3.69
N LEU A 250 2.50 42.35 3.31
CA LEU A 250 2.47 42.80 1.93
C LEU A 250 3.84 42.79 1.26
N GLY A 251 3.81 42.45 -0.03
CA GLY A 251 4.99 42.56 -0.85
C GLY A 251 5.83 41.31 -0.88
N LYS A 252 5.94 40.67 0.29
CA LYS A 252 6.73 39.43 0.42
C LYS A 252 5.86 38.21 0.18
N GLU A 253 4.69 38.41 -0.41
CA GLU A 253 4.09 37.34 -1.17
C GLU A 253 5.04 37.30 -2.37
N GLN A 254 5.34 36.07 -2.81
CA GLN A 254 6.47 35.65 -3.67
C GLN A 254 7.67 35.14 -2.82
N ASN A 255 7.43 34.83 -1.54
CA ASN A 255 8.42 34.14 -0.67
C ASN A 255 8.02 32.74 -0.08
N TYR A 256 6.74 32.43 -0.10
CA TYR A 256 6.22 31.18 0.44
C TYR A 256 5.84 30.23 -0.70
N THR A 257 5.70 28.93 -0.48
CA THR A 257 5.14 28.14 -1.60
C THR A 257 4.03 27.16 -1.29
N CYS A 258 2.98 27.19 -2.12
CA CYS A 258 1.94 26.18 -1.96
C CYS A 258 2.24 24.94 -2.79
N ARG A 259 2.20 23.78 -2.17
CA ARG A 259 2.37 22.57 -2.93
C ARG A 259 1.24 21.60 -2.64
N VAL A 260 0.74 20.99 -3.70
CA VAL A 260 -0.34 20.02 -3.56
C VAL A 260 0.12 18.62 -3.92
N TYR A 261 -0.24 17.68 -3.06
CA TYR A 261 0.11 16.28 -3.22
C TYR A 261 -1.16 15.46 -3.41
N HIS A 262 -1.33 14.92 -4.60
CA HIS A 262 -2.48 14.09 -4.89
C HIS A 262 -2.11 12.96 -5.86
N GLU A 263 -2.60 11.76 -5.56
CA GLU A 263 -2.24 10.56 -6.32
C GLU A 263 -2.72 10.61 -7.78
N GLY A 264 -3.60 11.54 -8.09
CA GLY A 264 -4.02 11.71 -9.47
C GLY A 264 -3.13 12.68 -10.24
N LEU A 265 -2.10 13.21 -9.59
CA LEU A 265 -1.20 14.15 -10.27
C LEU A 265 0.01 13.41 -10.81
N PRO A 266 0.41 13.72 -12.05
CA PRO A 266 1.68 13.22 -12.60
C PRO A 266 2.83 13.51 -11.64
N GLU A 267 2.70 14.63 -10.92
CA GLU A 267 3.69 15.12 -9.97
C GLU A 267 3.09 16.21 -9.09
N PRO A 268 3.58 16.36 -7.84
CA PRO A 268 3.09 17.44 -6.96
C PRO A 268 3.00 18.78 -7.69
N LEU A 269 1.94 19.54 -7.49
CA LEU A 269 1.91 20.87 -8.10
C LEU A 269 2.62 21.85 -7.18
N THR A 270 3.33 22.79 -7.79
CA THR A 270 4.00 23.86 -7.05
C THR A 270 3.49 25.21 -7.54
N LEU A 271 2.75 25.82 -6.65
CA LEU A 271 1.91 26.94 -6.96
C LEU A 271 2.23 28.19 -6.20
N ARG A 272 1.89 29.28 -6.91
CA ARG A 272 1.73 30.59 -6.36
C ARG A 272 1.43 31.73 -7.31
N TRP A 273 1.39 32.92 -6.71
CA TRP A 273 1.60 34.18 -7.42
C TRP A 273 1.58 35.35 -6.42
N MET B 1 -25.14 11.70 27.07
CA MET B 1 -24.04 12.28 27.83
C MET B 1 -22.80 12.46 26.96
N ILE B 2 -22.69 11.73 25.86
CA ILE B 2 -21.59 11.97 24.94
C ILE B 2 -22.05 12.29 23.52
N GLN B 3 -22.35 13.57 23.32
CA GLN B 3 -22.69 14.11 22.02
C GLN B 3 -21.43 14.66 21.35
N LYS B 4 -21.53 14.96 20.06
CA LYS B 4 -20.42 15.57 19.32
C LYS B 4 -20.98 16.71 18.46
N THR B 5 -20.33 17.87 18.50
CA THR B 5 -20.85 19.11 17.89
C THR B 5 -20.63 19.25 16.37
N PRO B 6 -21.72 19.45 15.62
CA PRO B 6 -21.65 19.47 14.16
C PRO B 6 -20.67 20.50 13.66
N GLN B 7 -20.23 20.34 12.42
CA GLN B 7 -19.32 21.30 11.85
C GLN B 7 -19.74 21.57 10.41
N ILE B 8 -19.84 22.85 10.09
CA ILE B 8 -20.64 23.33 8.97
C ILE B 8 -19.79 24.07 7.98
N GLN B 9 -19.85 23.69 6.71
CA GLN B 9 -19.22 24.51 5.67
C GLN B 9 -20.25 24.92 4.65
N VAL B 10 -20.28 26.20 4.29
CA VAL B 10 -21.20 26.61 3.25
C VAL B 10 -20.38 27.16 2.09
N TYR B 11 -20.58 26.59 0.90
CA TYR B 11 -19.68 26.84 -0.24
C TYR B 11 -20.28 26.43 -1.58
N SER B 12 -19.95 27.14 -2.65
CA SER B 12 -20.50 26.83 -3.97
C SER B 12 -19.74 25.69 -4.66
N ARG B 13 -20.46 24.87 -5.44
CA ARG B 13 -19.83 23.79 -6.18
C ARG B 13 -18.84 24.33 -7.22
N HIS B 14 -19.34 25.19 -8.08
CA HIS B 14 -18.51 25.91 -9.03
C HIS B 14 -18.12 27.27 -8.42
N PRO B 15 -16.95 27.77 -8.78
CA PRO B 15 -16.59 29.16 -8.48
C PRO B 15 -17.75 30.15 -8.63
N PRO B 16 -17.97 31.00 -7.61
CA PRO B 16 -19.05 31.97 -7.61
C PRO B 16 -18.83 33.08 -8.62
N GLU B 17 -19.87 33.38 -9.40
CA GLU B 17 -19.91 34.59 -10.19
C GLU B 17 -21.33 35.14 -10.09
N ASN B 18 -21.44 36.43 -9.84
CA ASN B 18 -22.74 37.07 -9.74
C ASN B 18 -23.50 36.90 -11.02
N GLY B 19 -24.72 36.40 -10.93
CA GLY B 19 -25.57 36.23 -12.12
C GLY B 19 -25.53 34.87 -12.78
N LYS B 20 -24.54 34.06 -12.44
CA LYS B 20 -24.44 32.72 -13.02
C LYS B 20 -24.83 31.62 -12.02
N PRO B 21 -25.83 30.80 -12.41
CA PRO B 21 -26.35 29.66 -11.65
C PRO B 21 -25.28 28.67 -11.20
N ASN B 22 -25.56 28.03 -10.08
CA ASN B 22 -24.55 27.28 -9.38
C ASN B 22 -25.26 26.40 -8.38
N ILE B 23 -24.49 25.61 -7.64
CA ILE B 23 -25.03 24.80 -6.56
C ILE B 23 -24.39 25.32 -5.29
N LEU B 24 -25.20 25.53 -4.25
CA LEU B 24 -24.69 25.92 -2.93
C LEU B 24 -24.79 24.75 -1.98
N ASN B 25 -23.64 24.34 -1.44
CA ASN B 25 -23.61 23.19 -0.53
C ASN B 25 -23.46 23.64 0.91
N CYS B 26 -24.24 23.02 1.78
CA CYS B 26 -24.00 23.09 3.20
C CYS B 26 -23.56 21.69 3.58
N TYR B 27 -22.42 21.56 4.23
CA TYR B 27 -21.83 20.26 4.49
C TYR B 27 -21.60 20.15 5.98
N VAL B 28 -22.38 19.27 6.61
CA VAL B 28 -22.35 19.16 8.07
C VAL B 28 -21.71 17.84 8.43
N THR B 29 -20.72 17.87 9.31
CA THR B 29 -19.96 16.65 9.64
C THR B 29 -19.66 16.60 11.11
N GLN B 30 -18.96 15.54 11.52
CA GLN B 30 -18.46 15.43 12.87
C GLN B 30 -19.55 15.32 13.95
N PHE B 31 -20.75 14.88 13.61
CA PHE B 31 -21.77 14.91 14.64
C PHE B 31 -22.29 13.55 15.09
N HIS B 32 -22.64 13.49 16.37
CA HIS B 32 -23.33 12.35 16.96
C HIS B 32 -24.19 12.85 18.12
N PRO B 33 -25.34 12.22 18.35
CA PRO B 33 -26.05 11.17 17.63
C PRO B 33 -26.57 11.66 16.26
N PRO B 34 -26.91 10.75 15.35
CA PRO B 34 -27.24 11.04 13.94
C PRO B 34 -28.40 11.97 13.69
N HIS B 35 -29.26 12.21 14.67
CA HIS B 35 -30.42 13.04 14.40
C HIS B 35 -29.99 14.50 14.25
N ILE B 36 -30.50 15.15 13.22
CA ILE B 36 -30.09 16.51 12.91
C ILE B 36 -31.15 17.18 12.04
N GLU B 37 -31.36 18.47 12.24
CA GLU B 37 -32.26 19.25 11.41
C GLU B 37 -31.47 20.29 10.64
N ILE B 38 -31.69 20.38 9.34
CA ILE B 38 -30.89 21.26 8.51
C ILE B 38 -31.74 22.07 7.55
N GLN B 39 -31.38 23.34 7.44
CA GLN B 39 -32.18 24.31 6.72
C GLN B 39 -31.24 25.19 5.89
N MET B 40 -31.58 25.45 4.63
CA MET B 40 -30.82 26.47 3.90
C MET B 40 -31.69 27.70 3.68
N LEU B 41 -31.09 28.87 3.92
CA LEU B 41 -31.79 30.16 3.94
C LEU B 41 -31.30 31.12 2.83
N LYS B 42 -32.23 31.69 2.07
CA LYS B 42 -31.90 32.79 1.19
C LYS B 42 -32.46 34.08 1.77
N ASN B 43 -31.56 34.93 2.23
CA ASN B 43 -31.93 36.16 2.92
C ASN B 43 -32.79 35.88 4.13
N GLY B 44 -32.46 34.81 4.85
CA GLY B 44 -33.13 34.47 6.08
C GLY B 44 -34.28 33.49 5.88
N LYS B 45 -34.81 33.46 4.65
CA LYS B 45 -36.03 32.72 4.34
C LYS B 45 -35.74 31.31 3.83
N LYS B 46 -36.30 30.28 4.49
CA LYS B 46 -36.08 28.88 4.11
C LYS B 46 -36.17 28.63 2.62
N ILE B 47 -35.18 27.92 2.09
CA ILE B 47 -35.27 27.46 0.72
C ILE B 47 -35.95 26.10 0.69
N PRO B 48 -37.02 26.00 -0.13
CA PRO B 48 -37.73 24.73 -0.34
C PRO B 48 -36.94 23.86 -1.29
N LYS B 49 -37.25 22.57 -1.37
CA LYS B 49 -36.68 21.74 -2.42
C LYS B 49 -35.15 21.57 -2.22
N VAL B 50 -34.67 21.80 -1.01
CA VAL B 50 -33.30 21.44 -0.70
C VAL B 50 -33.18 19.91 -0.81
N GLU B 51 -32.08 19.42 -1.38
CA GLU B 51 -31.83 17.97 -1.49
C GLU B 51 -30.78 17.57 -0.48
N MET B 52 -30.96 16.39 0.12
CA MET B 52 -30.07 15.97 1.19
C MET B 52 -29.66 14.51 1.07
N SER B 53 -28.35 14.26 1.10
CA SER B 53 -27.84 12.90 1.14
C SER B 53 -28.36 12.12 2.35
N ASP B 54 -28.38 10.81 2.19
CA ASP B 54 -28.86 9.91 3.22
C ASP B 54 -27.84 9.77 4.36
N MET B 55 -28.28 9.16 5.46
CA MET B 55 -27.48 8.99 6.64
C MET B 55 -26.20 8.23 6.30
N SER B 56 -25.06 8.85 6.62
CA SER B 56 -23.78 8.18 6.50
C SER B 56 -22.91 8.51 7.69
N PHE B 57 -22.01 7.62 8.08
CA PHE B 57 -20.99 7.98 9.07
C PHE B 57 -19.59 7.62 8.60
N SER B 58 -18.61 8.34 9.15
CA SER B 58 -17.23 8.24 8.70
C SER B 58 -16.46 7.24 9.55
N LYS B 59 -15.21 6.97 9.18
CA LYS B 59 -14.42 5.92 9.85
C LYS B 59 -14.10 6.21 11.31
N ASP B 60 -14.47 7.40 11.81
CA ASP B 60 -14.25 7.75 13.20
C ASP B 60 -15.55 7.65 13.97
N TRP B 61 -16.56 7.13 13.27
CA TRP B 61 -17.92 6.88 13.77
C TRP B 61 -18.86 8.11 13.65
N SER B 62 -18.31 9.33 13.65
CA SER B 62 -19.12 10.53 13.56
C SER B 62 -19.96 10.54 12.29
N PHE B 63 -21.13 11.15 12.33
CA PHE B 63 -22.01 11.17 11.15
C PHE B 63 -21.79 12.40 10.30
N TYR B 64 -22.29 12.38 9.07
CA TYR B 64 -22.28 13.57 8.22
C TYR B 64 -23.45 13.58 7.24
N ILE B 65 -23.77 14.76 6.73
CA ILE B 65 -24.75 14.91 5.66
C ILE B 65 -24.36 16.08 4.74
N LEU B 66 -24.65 15.95 3.45
CA LEU B 66 -24.46 17.07 2.52
C LEU B 66 -25.81 17.60 2.06
N ALA B 67 -26.13 18.80 2.49
CA ALA B 67 -27.29 19.52 1.96
C ALA B 67 -26.83 20.32 0.74
N HIS B 68 -27.73 20.51 -0.24
CA HIS B 68 -27.38 21.36 -1.37
C HIS B 68 -28.61 21.88 -2.13
N THR B 69 -28.49 23.06 -2.72
CA THR B 69 -29.59 23.62 -3.48
C THR B 69 -29.08 24.44 -4.65
N GLU B 70 -29.88 24.56 -5.70
CA GLU B 70 -29.53 25.44 -6.80
C GLU B 70 -29.53 26.85 -6.26
N PHE B 71 -28.73 27.73 -6.87
CA PHE B 71 -28.78 29.17 -6.53
C PHE B 71 -27.99 30.02 -7.51
N THR B 72 -28.42 31.26 -7.65
CA THR B 72 -27.72 32.21 -8.51
C THR B 72 -27.27 33.40 -7.67
N PRO B 73 -25.99 33.39 -7.25
CA PRO B 73 -25.35 34.35 -6.34
C PRO B 73 -25.41 35.79 -6.83
N THR B 74 -25.76 36.71 -5.94
CA THR B 74 -25.87 38.13 -6.27
C THR B 74 -25.05 38.94 -5.30
N GLU B 75 -24.98 40.25 -5.53
CA GLU B 75 -24.21 41.12 -4.63
C GLU B 75 -24.84 41.23 -3.26
N THR B 76 -26.17 41.17 -3.19
CA THR B 76 -26.83 41.47 -1.95
C THR B 76 -27.47 40.26 -1.25
N ASP B 77 -27.76 39.20 -1.99
CA ASP B 77 -28.44 38.07 -1.38
C ASP B 77 -27.51 37.30 -0.46
N THR B 78 -27.96 37.10 0.77
CA THR B 78 -27.22 36.28 1.73
C THR B 78 -27.80 34.86 1.77
N TYR B 79 -26.90 33.88 1.83
CA TYR B 79 -27.27 32.48 1.90
C TYR B 79 -26.70 31.87 3.17
N ALA B 80 -27.46 30.94 3.77
CA ALA B 80 -27.07 30.42 5.07
C ALA B 80 -27.49 28.97 5.23
N CYS B 81 -26.90 28.30 6.20
CA CYS B 81 -27.29 26.97 6.56
C CYS B 81 -27.50 26.93 8.06
N ARG B 82 -28.73 26.78 8.50
CA ARG B 82 -29.03 26.71 9.93
C ARG B 82 -29.20 25.26 10.33
N VAL B 83 -28.51 24.86 11.39
CA VAL B 83 -28.41 23.47 11.80
C VAL B 83 -28.76 23.26 13.26
N LYS B 84 -29.78 22.45 13.53
CA LYS B 84 -30.14 22.12 14.90
C LYS B 84 -29.73 20.69 15.27
N HIS B 85 -29.04 20.56 16.40
CA HIS B 85 -28.53 19.29 16.88
C HIS B 85 -28.51 19.30 18.41
N ASP B 86 -28.71 18.15 19.04
CA ASP B 86 -28.76 18.11 20.49
C ASP B 86 -27.42 18.39 21.16
N SER B 87 -26.34 18.37 20.38
CA SER B 87 -25.06 18.84 20.89
C SER B 87 -25.15 20.31 21.28
N MET B 88 -25.93 21.08 20.53
CA MET B 88 -26.00 22.54 20.73
C MET B 88 -27.27 23.04 21.43
N ALA B 89 -27.08 24.00 22.33
CA ALA B 89 -28.18 24.59 23.09
C ALA B 89 -29.18 25.33 22.19
N GLU B 90 -28.79 25.66 20.96
CA GLU B 90 -29.72 26.23 20.01
C GLU B 90 -29.13 26.24 18.59
N PRO B 91 -30.01 26.38 17.56
CA PRO B 91 -29.56 26.29 16.16
C PRO B 91 -28.32 27.11 15.84
N LYS B 92 -27.45 26.59 14.99
CA LYS B 92 -26.29 27.35 14.54
C LYS B 92 -26.51 27.77 13.10
N THR B 93 -26.37 29.05 12.81
CA THR B 93 -26.56 29.52 11.44
C THR B 93 -25.18 29.86 10.90
N VAL B 94 -24.79 29.23 9.80
CA VAL B 94 -23.51 29.57 9.18
C VAL B 94 -23.78 30.22 7.83
N TYR B 95 -23.26 31.43 7.67
CA TYR B 95 -23.44 32.23 6.47
C TYR B 95 -22.36 31.93 5.46
N TRP B 96 -22.77 31.82 4.19
CA TRP B 96 -21.87 31.58 3.08
C TRP B 96 -20.87 32.73 2.92
N ASP B 97 -19.60 32.40 2.83
CA ASP B 97 -18.55 33.37 2.53
C ASP B 97 -17.95 32.94 1.20
N ARG B 98 -18.17 33.74 0.16
CA ARG B 98 -17.82 33.33 -1.19
C ARG B 98 -16.31 33.21 -1.45
N ASP B 99 -15.48 33.66 -0.52
CA ASP B 99 -14.04 33.48 -0.63
C ASP B 99 -13.54 32.30 0.22
N MET B 100 -14.45 31.45 0.67
CA MET B 100 -14.07 30.28 1.46
C MET B 100 -14.90 29.04 1.13
N PRO C 1 3.26 3.84 -5.01
CA PRO C 1 4.37 3.30 -4.22
C PRO C 1 5.74 3.45 -4.89
N HIS C 2 6.53 4.44 -4.48
CA HIS C 2 7.88 4.61 -5.00
C HIS C 2 8.95 4.44 -3.93
N SER C 3 10.20 4.36 -4.36
CA SER C 3 11.30 4.11 -3.44
C SER C 3 12.68 4.40 -4.04
N MET C 4 13.63 4.72 -3.18
CA MET C 4 15.01 4.78 -3.59
C MET C 4 15.86 4.03 -2.58
N ARG C 5 16.77 3.19 -3.08
CA ARG C 5 17.68 2.40 -2.23
C ARG C 5 19.16 2.45 -2.67
N TYR C 6 20.07 2.56 -1.71
CA TYR C 6 21.48 2.29 -1.97
C TYR C 6 21.90 1.03 -1.21
N PHE C 7 22.39 0.05 -1.99
CA PHE C 7 22.96 -1.21 -1.51
C PHE C 7 24.48 -1.14 -1.65
N GLU C 8 25.19 -1.35 -0.54
CA GLU C 8 26.63 -1.10 -0.48
C GLU C 8 27.34 -2.32 0.06
N THR C 9 28.47 -2.65 -0.56
CA THR C 9 29.26 -3.82 -0.18
C THR C 9 30.71 -3.46 -0.08
N ALA C 10 31.40 -3.99 0.93
CA ALA C 10 32.85 -3.93 0.96
C ALA C 10 33.41 -5.28 1.35
N VAL C 11 34.42 -5.72 0.62
CA VAL C 11 34.97 -7.06 0.78
C VAL C 11 36.45 -7.00 1.03
N SER C 12 36.87 -7.35 2.24
CA SER C 12 38.28 -7.39 2.58
C SER C 12 38.96 -8.48 1.76
N ARG C 13 40.23 -8.26 1.45
CA ARG C 13 41.02 -9.21 0.68
C ARG C 13 42.36 -9.54 1.37
N PRO C 14 42.77 -10.81 1.28
CA PRO C 14 43.98 -11.30 1.96
C PRO C 14 45.24 -10.51 1.61
N GLU C 17 46.85 -5.23 -0.63
CA GLU C 17 45.50 -5.31 -1.12
C GLU C 17 44.50 -4.78 -0.11
N GLU C 18 43.49 -4.10 -0.65
CA GLU C 18 42.56 -3.34 0.14
C GLU C 18 41.16 -3.49 -0.45
N PRO C 19 40.17 -3.69 0.43
CA PRO C 19 38.77 -4.06 0.16
C PRO C 19 38.17 -3.55 -1.14
N ARG C 20 37.24 -4.32 -1.71
CA ARG C 20 36.50 -3.91 -2.90
C ARG C 20 35.12 -3.40 -2.49
N TYR C 21 34.84 -2.18 -2.92
CA TYR C 21 33.61 -1.51 -2.54
C TYR C 21 32.70 -1.34 -3.77
N ILE C 22 31.49 -1.84 -3.65
CA ILE C 22 30.52 -1.69 -4.72
C ILE C 22 29.28 -0.97 -4.18
N SER C 23 28.83 0.07 -4.86
CA SER C 23 27.64 0.76 -4.44
C SER C 23 26.63 0.83 -5.58
N VAL C 24 25.40 0.41 -5.31
CA VAL C 24 24.38 0.36 -6.35
C VAL C 24 23.17 1.14 -5.89
N GLY C 25 22.59 1.92 -6.81
CA GLY C 25 21.46 2.74 -6.45
C GLY C 25 20.29 2.29 -7.26
N TYR C 26 19.11 2.27 -6.63
CA TYR C 26 17.88 1.80 -7.24
C TYR C 26 16.75 2.83 -7.10
N VAL C 27 16.01 3.07 -8.19
CA VAL C 27 14.70 3.75 -8.11
C VAL C 27 13.62 2.76 -8.51
N ASP C 28 12.66 2.54 -7.60
CA ASP C 28 11.57 1.62 -7.85
C ASP C 28 12.10 0.24 -8.22
N ASN C 29 13.20 -0.12 -7.56
CA ASN C 29 13.87 -1.41 -7.68
C ASN C 29 14.45 -1.64 -9.06
N LYS C 30 14.76 -0.55 -9.74
CA LYS C 30 15.52 -0.62 -10.99
C LYS C 30 16.83 0.15 -10.82
N GLU C 31 17.94 -0.50 -11.16
CA GLU C 31 19.27 0.08 -11.06
C GLU C 31 19.37 1.36 -11.85
N PHE C 32 19.88 2.43 -11.24
CA PHE C 32 20.15 3.63 -12.04
C PHE C 32 21.61 4.10 -11.94
N VAL C 33 22.27 3.85 -10.81
CA VAL C 33 23.71 4.15 -10.73
C VAL C 33 24.46 3.00 -10.09
N ARG C 34 25.73 2.86 -10.47
CA ARG C 34 26.58 1.86 -9.84
C ARG C 34 28.01 2.32 -9.81
N PHE C 35 28.73 1.94 -8.76
CA PHE C 35 30.13 2.28 -8.57
C PHE C 35 30.84 1.03 -8.07
N ASP C 36 31.96 0.72 -8.72
CA ASP C 36 32.68 -0.50 -8.44
C ASP C 36 34.15 -0.12 -8.27
N SER C 37 34.59 -0.18 -7.02
CA SER C 37 35.95 0.11 -6.62
C SER C 37 37.01 -0.49 -7.56
N ASP C 38 36.71 -1.63 -8.18
CA ASP C 38 37.67 -2.36 -9.00
C ASP C 38 37.72 -1.94 -10.45
N ALA C 39 36.86 -1.01 -10.84
CA ALA C 39 36.91 -0.53 -12.21
C ALA C 39 38.24 0.16 -12.43
N GLU C 40 38.70 0.19 -13.67
CA GLU C 40 39.79 1.08 -13.96
C GLU C 40 39.15 2.47 -13.97
N ASN C 41 39.78 3.42 -13.27
CA ASN C 41 39.17 4.71 -12.98
C ASN C 41 37.77 4.60 -12.39
N PRO C 42 37.67 4.15 -11.13
CA PRO C 42 36.41 4.02 -10.38
C PRO C 42 35.58 5.27 -10.50
N ARG C 43 34.30 5.09 -10.77
CA ARG C 43 33.40 6.18 -11.13
C ARG C 43 31.95 5.72 -10.96
N TYR C 44 31.06 6.64 -10.63
CA TYR C 44 29.66 6.32 -10.68
C TYR C 44 29.24 6.31 -12.17
N GLU C 45 28.45 5.32 -12.53
CA GLU C 45 28.03 5.11 -13.91
C GLU C 45 26.52 4.96 -14.01
N PRO C 46 25.90 5.64 -15.01
CA PRO C 46 24.47 5.57 -15.31
C PRO C 46 24.01 4.19 -15.77
N ARG C 47 23.10 3.60 -15.01
CA ARG C 47 22.57 2.26 -15.30
C ARG C 47 21.17 2.27 -15.94
N ALA C 48 20.61 3.46 -16.09
CA ALA C 48 19.32 3.61 -16.76
C ALA C 48 19.38 4.83 -17.68
N PRO C 49 18.86 4.69 -18.91
CA PRO C 49 18.96 5.71 -19.96
C PRO C 49 18.61 7.13 -19.52
N TRP C 50 17.56 7.27 -18.71
CA TRP C 50 17.09 8.60 -18.34
C TRP C 50 18.24 9.38 -17.67
N MET C 51 19.02 8.67 -16.86
CA MET C 51 20.12 9.23 -16.11
C MET C 51 21.22 9.86 -16.93
N GLU C 52 21.23 9.56 -18.23
CA GLU C 52 22.31 10.07 -19.07
C GLU C 52 22.13 11.56 -19.22
N GLN C 53 20.92 12.02 -18.88
CA GLN C 53 20.62 13.45 -18.87
C GLN C 53 21.58 14.25 -18.02
N GLU C 54 22.01 13.68 -16.91
CA GLU C 54 22.58 14.52 -15.87
C GLU C 54 24.06 14.77 -16.03
N GLY C 55 24.41 16.05 -15.97
CA GLY C 55 25.73 16.57 -16.29
C GLY C 55 26.88 16.12 -15.41
N PRO C 56 28.06 16.66 -15.68
CA PRO C 56 29.36 16.32 -15.10
C PRO C 56 29.41 16.54 -13.59
N GLU C 57 28.62 17.50 -13.11
CA GLU C 57 28.62 17.86 -11.70
C GLU C 57 28.09 16.73 -10.86
N TYR C 58 26.99 16.14 -11.31
CA TYR C 58 26.37 15.00 -10.64
C TYR C 58 27.34 13.84 -10.55
N TRP C 59 28.03 13.58 -11.64
CA TRP C 59 28.87 12.41 -11.72
C TRP C 59 30.11 12.58 -10.85
N GLU C 60 30.71 13.76 -10.89
CA GLU C 60 31.90 13.96 -10.08
C GLU C 60 31.52 13.98 -8.58
N ARG C 61 30.46 14.72 -8.25
CA ARG C 61 30.05 14.85 -6.85
C ARG C 61 29.73 13.49 -6.25
N GLU C 62 28.89 12.73 -6.96
CA GLU C 62 28.48 11.44 -6.43
C GLU C 62 29.66 10.46 -6.38
N THR C 63 30.52 10.46 -7.41
CA THR C 63 31.74 9.66 -7.36
C THR C 63 32.53 9.95 -6.07
N GLN C 64 32.82 11.22 -5.82
CA GLN C 64 33.52 11.62 -4.60
C GLN C 64 32.86 11.00 -3.40
N LYS C 65 31.56 11.21 -3.30
CA LYS C 65 30.82 10.62 -2.19
C LYS C 65 31.07 9.12 -2.05
N ALA C 66 31.08 8.40 -3.17
CA ALA C 66 31.32 6.94 -3.14
C ALA C 66 32.72 6.61 -2.63
N LYS C 67 33.69 7.43 -3.00
CA LYS C 67 35.05 7.23 -2.51
C LYS C 67 35.14 7.44 -1.00
N GLY C 68 34.45 8.45 -0.50
CA GLY C 68 34.39 8.68 0.93
C GLY C 68 33.73 7.51 1.64
N GLN C 69 32.67 6.98 1.02
CA GLN C 69 31.99 5.86 1.65
C GLN C 69 32.91 4.66 1.67
N GLU C 70 33.62 4.47 0.56
CA GLU C 70 34.60 3.42 0.44
C GLU C 70 35.62 3.46 1.58
N GLN C 71 36.15 4.65 1.83
CA GLN C 71 37.11 4.81 2.90
C GLN C 71 36.47 4.41 4.23
N TRP C 72 35.26 4.93 4.45
CA TRP C 72 34.51 4.66 5.66
C TRP C 72 34.30 3.14 5.87
N PHE C 73 34.06 2.42 4.78
CA PHE C 73 33.87 0.96 4.83
C PHE C 73 35.17 0.22 5.13
N ARG C 74 36.29 0.71 4.58
CA ARG C 74 37.60 0.18 4.99
C ARG C 74 37.78 0.27 6.51
N VAL C 75 37.64 1.48 7.03
CA VAL C 75 37.85 1.69 8.45
C VAL C 75 36.93 0.81 9.30
N SER C 76 35.65 0.76 8.94
CA SER C 76 34.72 -0.07 9.70
C SER C 76 35.06 -1.57 9.57
N LEU C 77 35.54 -1.97 8.39
CA LEU C 77 36.07 -3.32 8.22
C LEU C 77 37.18 -3.61 9.24
N ARG C 78 38.24 -2.80 9.25
CA ARG C 78 39.38 -3.07 10.14
C ARG C 78 38.91 -3.10 11.59
N ASN C 79 37.97 -2.22 11.91
CA ASN C 79 37.46 -2.14 13.28
C ASN C 79 36.75 -3.41 13.71
N LEU C 80 35.84 -3.88 12.86
CA LEU C 80 35.11 -5.12 13.10
C LEU C 80 36.06 -6.31 13.19
N LEU C 81 37.15 -6.24 12.44
CA LEU C 81 38.19 -7.26 12.48
C LEU C 81 38.74 -7.31 13.89
N GLY C 82 38.99 -6.14 14.47
CA GLY C 82 39.27 -6.08 15.89
C GLY C 82 38.15 -6.65 16.76
N TYR C 83 36.92 -6.18 16.53
CA TYR C 83 35.79 -6.42 17.44
C TYR C 83 35.51 -7.90 17.71
N TYR C 84 35.68 -8.74 16.68
CA TYR C 84 35.32 -10.14 16.79
C TYR C 84 36.50 -11.07 17.02
N ASN C 85 37.70 -10.53 17.25
CA ASN C 85 38.90 -11.36 17.38
C ASN C 85 39.03 -12.21 16.10
N GLN C 86 39.33 -11.56 14.99
CA GLN C 86 39.50 -12.25 13.72
C GLN C 86 40.91 -12.10 13.17
N SER C 87 41.45 -13.19 12.63
CA SER C 87 42.82 -13.21 12.14
C SER C 87 42.98 -12.25 10.94
N ALA C 88 44.22 -11.86 10.68
CA ALA C 88 44.51 -10.89 9.63
C ALA C 88 44.21 -11.44 8.23
N GLY C 89 44.56 -12.71 8.02
CA GLY C 89 44.48 -13.32 6.71
C GLY C 89 43.15 -13.27 6.01
N GLY C 90 42.08 -13.52 6.77
CA GLY C 90 40.75 -13.74 6.22
C GLY C 90 40.10 -12.71 5.30
N SER C 91 39.00 -13.14 4.68
CA SER C 91 38.20 -12.30 3.78
C SER C 91 36.77 -12.09 4.31
N HIS C 92 36.44 -10.83 4.61
CA HIS C 92 35.20 -10.47 5.32
C HIS C 92 34.34 -9.44 4.59
N THR C 93 33.05 -9.39 4.94
CA THR C 93 32.07 -8.65 4.16
C THR C 93 31.24 -7.72 5.01
N LEU C 94 31.24 -6.44 4.64
CA LEU C 94 30.38 -5.48 5.29
C LEU C 94 29.35 -4.88 4.30
N GLN C 95 28.09 -4.98 4.68
CA GLN C 95 27.00 -4.54 3.82
C GLN C 95 26.14 -3.49 4.47
N GLN C 96 25.59 -2.59 3.65
CA GLN C 96 24.72 -1.55 4.14
C GLN C 96 23.56 -1.29 3.17
N MET C 97 22.35 -1.23 3.70
CA MET C 97 21.19 -0.82 2.91
C MET C 97 20.66 0.49 3.48
N SER C 98 20.27 1.42 2.60
CA SER C 98 19.67 2.67 3.08
C SER C 98 18.73 3.25 2.03
N GLY C 99 17.69 3.97 2.47
CA GLY C 99 16.83 4.66 1.50
C GLY C 99 15.42 4.96 1.94
N CYS C 100 14.59 5.46 1.04
CA CYS C 100 13.26 5.91 1.44
C CYS C 100 12.12 5.37 0.60
N ASP C 101 10.97 5.23 1.26
CA ASP C 101 9.72 4.85 0.65
C ASP C 101 8.76 6.02 0.67
N LEU C 102 8.25 6.31 -0.52
CA LEU C 102 7.20 7.28 -0.74
C LEU C 102 5.88 6.60 -1.07
N GLY C 103 4.80 7.09 -0.49
CA GLY C 103 3.48 6.79 -1.00
C GLY C 103 3.36 7.55 -2.30
N SER C 104 2.16 7.77 -2.80
CA SER C 104 2.09 8.41 -4.09
C SER C 104 0.76 9.04 -4.40
N ASP C 105 0.56 10.36 -4.26
CA ASP C 105 1.25 11.41 -3.45
C ASP C 105 2.73 11.86 -3.55
N TRP C 106 3.68 10.93 -3.41
CA TRP C 106 5.13 11.22 -3.32
C TRP C 106 5.53 11.82 -1.97
N ARG C 107 4.62 11.81 -1.00
CA ARG C 107 4.94 12.18 0.37
C ARG C 107 5.73 11.03 1.01
N LEU C 108 6.55 11.34 2.02
CA LEU C 108 7.37 10.29 2.64
C LEU C 108 6.55 9.27 3.43
N LEU C 109 6.94 8.00 3.34
CA LEU C 109 6.36 6.91 4.12
C LEU C 109 7.35 6.33 5.14
N ARG C 110 8.51 5.87 4.65
CA ARG C 110 9.44 5.19 5.56
C ARG C 110 10.89 5.41 5.19
N GLY C 111 11.75 5.43 6.23
CA GLY C 111 13.19 5.55 6.06
C GLY C 111 13.89 4.28 6.49
N TYR C 112 14.98 3.94 5.79
CA TYR C 112 15.71 2.68 5.99
C TYR C 112 17.19 2.85 6.13
N LEU C 113 17.76 2.18 7.11
CA LEU C 113 19.20 2.15 7.31
C LEU C 113 19.59 0.95 8.14
N GLN C 114 20.25 -0.02 7.51
CA GLN C 114 20.72 -1.22 8.19
C GLN C 114 22.10 -1.68 7.70
N PHE C 115 22.82 -2.33 8.61
CA PHE C 115 24.15 -2.86 8.38
C PHE C 115 24.22 -4.34 8.73
N ALA C 116 24.77 -5.10 7.78
CA ALA C 116 25.16 -6.48 8.03
C ALA C 116 26.66 -6.67 7.99
N TYR C 117 27.13 -7.67 8.72
CA TYR C 117 28.53 -8.04 8.69
C TYR C 117 28.61 -9.55 8.50
N GLU C 118 29.43 -9.99 7.55
CA GLU C 118 29.56 -11.41 7.28
C GLU C 118 28.20 -11.95 6.86
N GLY C 119 27.49 -11.18 6.06
CA GLY C 119 26.18 -11.57 5.58
C GLY C 119 25.10 -11.68 6.65
N ARG C 120 25.40 -11.21 7.86
CA ARG C 120 24.43 -11.31 8.96
C ARG C 120 24.12 -9.95 9.58
N ASP C 121 22.87 -9.79 10.02
CA ASP C 121 22.39 -8.54 10.61
C ASP C 121 23.35 -8.09 11.69
N TYR C 122 23.62 -6.78 11.70
CA TYR C 122 24.46 -6.15 12.71
C TYR C 122 23.67 -5.06 13.45
N ILE C 123 23.32 -3.98 12.75
CA ILE C 123 22.53 -2.94 13.41
C ILE C 123 21.63 -2.18 12.44
N ALA C 124 20.51 -1.65 12.94
CA ALA C 124 19.51 -1.02 12.08
C ALA C 124 18.82 0.16 12.75
N LEU C 125 18.39 1.13 11.93
CA LEU C 125 17.63 2.26 12.44
C LEU C 125 16.16 1.86 12.51
N ASN C 126 15.55 2.03 13.69
CA ASN C 126 14.13 1.70 13.83
C ASN C 126 13.30 2.68 13.05
N GLU C 127 12.08 2.29 12.72
CA GLU C 127 11.25 3.07 11.80
C GLU C 127 11.00 4.49 12.32
N ASP C 128 11.18 4.71 13.63
CA ASP C 128 11.06 6.05 14.20
C ASP C 128 12.15 6.98 13.68
N LEU C 129 13.24 6.36 13.19
CA LEU C 129 14.47 7.04 12.77
C LEU C 129 15.11 7.82 13.92
N LYS C 130 14.84 7.38 15.14
CA LYS C 130 15.39 8.02 16.34
C LYS C 130 16.24 7.02 17.13
N THR C 131 16.08 5.74 16.86
CA THR C 131 16.83 4.76 17.64
C THR C 131 17.00 3.43 16.94
N TRP C 132 17.74 2.53 17.59
CA TRP C 132 18.31 1.39 16.88
C TRP C 132 17.91 0.02 17.41
N THR C 133 17.64 -0.89 16.47
CA THR C 133 17.58 -2.32 16.80
C THR C 133 18.97 -2.86 16.56
N ALA C 134 19.51 -3.59 17.53
CA ALA C 134 20.86 -4.11 17.42
C ALA C 134 20.97 -5.58 17.87
N ALA C 135 21.74 -6.39 17.12
CA ALA C 135 22.00 -7.78 17.47
C ALA C 135 23.50 -7.97 17.76
N ASP C 136 23.89 -9.01 18.50
CA ASP C 136 25.32 -9.30 18.75
C ASP C 136 26.04 -8.25 19.62
N MET C 137 26.94 -8.74 20.47
CA MET C 137 27.71 -7.92 21.43
C MET C 137 28.32 -6.63 20.82
N ALA C 138 29.07 -6.80 19.73
CA ALA C 138 29.78 -5.68 19.09
C ALA C 138 28.82 -4.60 18.59
N ALA C 139 27.64 -5.02 18.15
CA ALA C 139 26.63 -4.05 17.73
C ALA C 139 25.81 -3.46 18.89
N GLN C 140 25.72 -4.11 20.06
CA GLN C 140 25.19 -3.33 21.21
C GLN C 140 26.21 -2.29 21.64
N ILE C 141 27.49 -2.62 21.49
CA ILE C 141 28.54 -1.63 21.77
C ILE C 141 28.41 -0.45 20.81
N THR C 142 28.26 -0.79 19.53
CA THR C 142 28.14 0.21 18.50
C THR C 142 26.89 1.05 18.73
N ARG C 143 25.74 0.42 18.99
CA ARG C 143 24.53 1.18 19.30
C ARG C 143 24.81 2.20 20.39
N ARG C 144 25.47 1.78 21.48
CA ARG C 144 25.85 2.69 22.59
C ARG C 144 26.62 3.91 22.11
N LYS C 145 27.70 3.67 21.36
CA LYS C 145 28.53 4.76 20.87
C LYS C 145 27.70 5.72 20.00
N TRP C 146 26.94 5.17 19.06
CA TRP C 146 26.11 5.96 18.13
C TRP C 146 25.01 6.82 18.78
N GLU C 147 24.22 6.23 19.66
CA GLU C 147 23.17 6.99 20.35
C GLU C 147 23.77 8.02 21.31
N GLN C 148 24.97 7.74 21.84
CA GLN C 148 25.65 8.73 22.67
C GLN C 148 26.20 9.89 21.83
N SER C 149 26.51 9.61 20.57
CA SER C 149 27.05 10.65 19.70
C SER C 149 25.97 11.19 18.77
N GLY C 150 24.71 11.01 19.15
CA GLY C 150 23.57 11.52 18.40
C GLY C 150 23.52 11.18 16.91
N ALA C 151 24.17 10.08 16.53
CA ALA C 151 24.32 9.75 15.13
C ALA C 151 22.99 9.57 14.38
N ALA C 152 21.93 9.26 15.10
CA ALA C 152 20.66 8.96 14.45
C ALA C 152 20.11 10.10 13.56
N GLU C 153 20.07 11.34 14.06
CA GLU C 153 19.40 12.37 13.27
C GLU C 153 20.21 12.91 12.09
N HIS C 154 21.49 12.55 11.99
CA HIS C 154 22.20 12.71 10.72
C HIS C 154 21.43 11.96 9.63
N TYR C 155 21.14 10.70 9.96
CA TYR C 155 20.44 9.83 9.03
C TYR C 155 18.98 10.24 8.90
N LYS C 156 18.36 10.70 9.99
CA LYS C 156 16.97 11.13 9.91
C LYS C 156 16.87 12.32 8.96
N ALA C 157 17.88 13.17 9.01
CA ALA C 157 17.96 14.35 8.14
C ALA C 157 18.16 13.96 6.67
N TYR C 158 18.90 12.89 6.41
CA TYR C 158 19.05 12.44 5.02
C TYR C 158 17.77 11.77 4.48
N LEU C 159 17.27 10.81 5.25
CA LEU C 159 16.06 10.08 4.88
C LEU C 159 14.85 11.00 4.67
N GLU C 160 14.60 11.87 5.64
CA GLU C 160 13.47 12.77 5.56
C GLU C 160 13.82 13.94 4.66
N GLY C 161 15.08 14.04 4.30
CA GLY C 161 15.56 15.18 3.53
C GLY C 161 15.92 14.88 2.07
N GLU C 162 17.21 14.75 1.82
CA GLU C 162 17.72 14.62 0.47
C GLU C 162 17.16 13.38 -0.21
N CYS C 163 16.96 12.30 0.55
CA CYS C 163 16.45 11.07 -0.04
C CYS C 163 15.15 11.34 -0.80
N VAL C 164 14.26 12.10 -0.17
CA VAL C 164 12.94 12.38 -0.76
C VAL C 164 13.01 13.36 -1.91
N GLU C 165 13.68 14.50 -1.74
CA GLU C 165 13.68 15.49 -2.81
C GLU C 165 14.49 14.98 -4.00
N TRP C 166 15.60 14.28 -3.75
CA TRP C 166 16.34 13.71 -4.86
C TRP C 166 15.56 12.59 -5.54
N LEU C 167 14.93 11.72 -4.77
CA LEU C 167 14.07 10.71 -5.38
C LEU C 167 13.02 11.39 -6.26
N HIS C 168 12.48 12.53 -5.81
CA HIS C 168 11.49 13.27 -6.59
C HIS C 168 12.09 13.64 -7.95
N ARG C 169 13.30 14.22 -7.89
CA ARG C 169 14.07 14.61 -9.07
C ARG C 169 14.12 13.44 -10.04
N TYR C 170 14.58 12.31 -9.51
CA TYR C 170 14.72 11.05 -10.25
C TYR C 170 13.42 10.59 -10.90
N LEU C 171 12.32 10.68 -10.15
CA LEU C 171 11.03 10.24 -10.64
C LEU C 171 10.63 11.07 -11.85
N LYS C 172 10.79 12.40 -11.76
CA LYS C 172 10.45 13.25 -12.90
C LYS C 172 11.32 12.91 -14.12
N ASN C 173 12.60 12.59 -13.89
CA ASN C 173 13.44 12.28 -15.04
C ASN C 173 13.07 10.95 -15.71
N GLY C 174 12.89 9.89 -14.93
CA GLY C 174 12.67 8.57 -15.51
C GLY C 174 11.22 8.16 -15.54
N ASN C 175 10.34 9.14 -15.41
CA ASN C 175 8.91 8.93 -15.21
C ASN C 175 8.24 7.92 -16.13
N ALA C 176 7.35 7.13 -15.55
CA ALA C 176 6.37 6.31 -16.28
C ALA C 176 6.97 5.10 -16.98
N THR C 177 8.29 5.11 -17.16
CA THR C 177 8.99 3.90 -17.56
C THR C 177 9.44 3.27 -16.26
N LEU C 178 9.17 3.97 -15.17
CA LEU C 178 9.61 3.57 -13.86
C LEU C 178 8.63 2.64 -13.17
N LEU C 179 7.33 2.80 -13.47
CA LEU C 179 6.34 1.87 -12.90
C LEU C 179 5.67 0.98 -13.93
N ARG C 180 6.41 0.54 -14.94
CA ARG C 180 5.90 -0.48 -15.84
C ARG C 180 5.42 -1.69 -15.03
N THR C 181 4.31 -2.31 -15.44
CA THR C 181 4.03 -3.66 -15.00
C THR C 181 3.87 -4.52 -16.23
N ASP C 182 4.13 -5.82 -16.08
CA ASP C 182 3.85 -6.79 -17.12
C ASP C 182 2.97 -7.85 -16.55
N SER C 183 1.89 -8.21 -17.25
CA SER C 183 0.97 -9.20 -16.73
C SER C 183 1.43 -10.60 -17.10
N PRO C 184 1.30 -11.54 -16.15
CA PRO C 184 1.66 -12.92 -16.44
C PRO C 184 0.76 -13.52 -17.51
N LYS C 185 1.37 -14.18 -18.49
CA LYS C 185 0.64 -15.04 -19.39
C LYS C 185 0.81 -16.45 -18.86
N ALA C 186 -0.28 -17.18 -18.65
CA ALA C 186 -0.21 -18.46 -17.96
C ALA C 186 -0.72 -19.64 -18.79
N HIS C 187 -0.20 -20.83 -18.48
CA HIS C 187 -0.61 -22.09 -19.14
C HIS C 187 -0.34 -23.24 -18.17
N VAL C 188 -1.09 -24.34 -18.27
CA VAL C 188 -0.79 -25.48 -17.41
C VAL C 188 -0.41 -26.71 -18.23
N THR C 189 0.57 -27.49 -17.74
CA THR C 189 1.13 -28.64 -18.46
C THR C 189 0.92 -29.98 -17.79
N HIS C 190 1.02 -31.02 -18.61
CA HIS C 190 0.80 -32.40 -18.22
C HIS C 190 2.13 -33.15 -18.11
N HIS C 191 2.32 -33.91 -17.05
CA HIS C 191 3.56 -34.63 -16.87
C HIS C 191 3.31 -35.96 -16.22
N PRO C 192 3.02 -36.99 -17.04
CA PRO C 192 2.79 -38.38 -16.60
C PRO C 192 3.87 -38.78 -15.61
N ARG C 193 3.51 -39.38 -14.50
CA ARG C 193 4.46 -39.44 -13.39
C ARG C 193 4.74 -40.84 -12.91
N SER C 194 3.69 -41.63 -12.71
CA SER C 194 3.84 -42.90 -12.02
C SER C 194 2.58 -43.76 -12.14
N LYS C 195 2.22 -44.38 -11.01
CA LYS C 195 1.04 -45.20 -10.86
C LYS C 195 -0.24 -44.51 -11.33
N GLY C 196 -0.31 -44.23 -12.63
CA GLY C 196 -1.41 -43.47 -13.18
C GLY C 196 -1.56 -42.10 -12.53
N GLU C 197 -0.47 -41.60 -11.95
CA GLU C 197 -0.45 -40.26 -11.39
C GLU C 197 0.18 -39.32 -12.40
N VAL C 198 -0.42 -38.14 -12.57
CA VAL C 198 0.12 -37.08 -13.41
C VAL C 198 0.50 -35.87 -12.58
N THR C 199 1.58 -35.22 -12.99
CA THR C 199 1.96 -33.92 -12.51
C THR C 199 1.27 -32.87 -13.38
N LEU C 200 0.52 -31.96 -12.76
CA LEU C 200 0.00 -30.82 -13.49
C LEU C 200 0.82 -29.60 -13.09
N ARG C 201 1.34 -28.85 -14.05
CA ARG C 201 2.19 -27.74 -13.66
C ARG C 201 1.65 -26.42 -14.18
N CYS C 202 1.40 -25.46 -13.29
CA CYS C 202 0.91 -24.14 -13.70
C CYS C 202 2.04 -23.13 -13.91
N TRP C 203 2.16 -22.64 -15.13
CA TRP C 203 3.25 -21.76 -15.50
C TRP C 203 2.77 -20.31 -15.68
N ALA C 204 3.42 -19.40 -14.96
CA ALA C 204 3.24 -17.97 -15.15
C ALA C 204 4.50 -17.37 -15.79
N LEU C 205 4.30 -16.71 -16.92
CA LEU C 205 5.40 -16.18 -17.72
C LEU C 205 5.31 -14.70 -18.06
N GLY C 206 6.45 -14.04 -18.05
CA GLY C 206 6.60 -12.73 -18.64
C GLY C 206 5.91 -11.67 -17.82
N PHE C 207 5.83 -11.90 -16.51
CA PHE C 207 5.24 -10.91 -15.64
C PHE C 207 6.32 -10.08 -14.98
N TYR C 208 5.89 -9.01 -14.31
CA TYR C 208 6.77 -8.05 -13.65
C TYR C 208 5.87 -7.05 -12.97
N PRO C 209 6.19 -6.67 -11.74
CA PRO C 209 7.30 -7.12 -10.91
C PRO C 209 7.22 -8.56 -10.45
N ALA C 210 8.32 -9.02 -9.88
CA ALA C 210 8.48 -10.37 -9.35
C ALA C 210 7.34 -10.88 -8.44
N ASP C 211 6.68 -10.00 -7.70
CA ASP C 211 5.61 -10.46 -6.80
C ASP C 211 4.41 -11.10 -7.56
N ILE C 212 4.13 -12.34 -7.20
CA ILE C 212 3.07 -13.10 -7.84
C ILE C 212 2.55 -14.12 -6.86
N THR C 213 1.32 -14.58 -7.07
CA THR C 213 0.87 -15.73 -6.32
C THR C 213 0.22 -16.72 -7.27
N LEU C 214 0.66 -17.98 -7.19
CA LEU C 214 0.00 -19.05 -7.91
C LEU C 214 -0.71 -19.93 -6.92
N THR C 215 -1.93 -20.35 -7.27
CA THR C 215 -2.72 -21.21 -6.39
C THR C 215 -3.34 -22.40 -7.16
N TRP C 216 -3.28 -23.58 -6.54
CA TRP C 216 -4.04 -24.72 -7.02
C TRP C 216 -5.22 -24.94 -6.12
N GLN C 217 -6.34 -25.39 -6.68
CA GLN C 217 -7.43 -25.79 -5.81
C GLN C 217 -8.31 -26.88 -6.41
N LEU C 218 -9.07 -27.49 -5.51
CA LEU C 218 -10.06 -28.50 -5.83
C LEU C 218 -11.10 -28.63 -4.71
N ASN C 219 -12.36 -28.32 -4.99
CA ASN C 219 -12.76 -27.55 -6.17
C ASN C 219 -12.62 -26.00 -6.11
N GLY C 220 -12.76 -25.34 -4.96
CA GLY C 220 -12.90 -25.91 -3.63
C GLY C 220 -11.72 -25.45 -2.79
N GLU C 221 -11.05 -26.37 -2.10
CA GLU C 221 -9.98 -25.95 -1.19
C GLU C 221 -8.68 -25.64 -1.94
N GLU C 222 -7.97 -24.62 -1.47
CA GLU C 222 -6.65 -24.30 -2.00
C GLU C 222 -5.61 -25.31 -1.52
N LEU C 223 -5.04 -26.05 -2.47
CA LEU C 223 -3.96 -26.99 -2.22
C LEU C 223 -2.64 -26.25 -2.14
N THR C 224 -1.98 -26.36 -1.00
CA THR C 224 -0.68 -25.73 -0.84
C THR C 224 0.40 -26.79 -0.61
N GLN C 225 0.09 -27.84 0.14
CA GLN C 225 1.13 -28.79 0.51
C GLN C 225 1.38 -29.88 -0.53
N ASP C 226 0.35 -30.26 -1.29
CA ASP C 226 0.57 -31.15 -2.43
C ASP C 226 1.36 -30.42 -3.52
N MET C 227 1.33 -29.08 -3.44
CA MET C 227 1.89 -28.19 -4.44
C MET C 227 3.42 -28.09 -4.36
N GLU C 228 4.07 -28.15 -5.51
CA GLU C 228 5.48 -27.80 -5.66
C GLU C 228 5.60 -26.45 -6.36
N LEU C 229 6.64 -25.68 -6.05
CA LEU C 229 6.85 -24.39 -6.70
C LEU C 229 8.33 -24.04 -6.80
N VAL C 230 8.68 -23.14 -7.71
CA VAL C 230 10.05 -22.67 -7.80
C VAL C 230 10.09 -21.22 -7.39
N GLU C 231 11.23 -20.77 -6.87
CA GLU C 231 11.40 -19.38 -6.49
C GLU C 231 11.25 -18.58 -7.77
N THR C 232 10.64 -17.40 -7.70
CA THR C 232 10.39 -16.61 -8.90
C THR C 232 11.74 -16.37 -9.53
N ARG C 233 11.82 -16.34 -10.87
CA ARG C 233 13.12 -16.24 -11.49
C ARG C 233 13.07 -15.30 -12.68
N PRO C 234 14.19 -14.61 -12.98
CA PRO C 234 14.28 -13.63 -14.07
C PRO C 234 14.41 -14.27 -15.43
N ALA C 235 13.49 -13.96 -16.35
CA ALA C 235 13.59 -14.45 -17.73
C ALA C 235 14.87 -13.95 -18.39
N GLY C 236 15.26 -12.74 -18.01
CA GLY C 236 16.46 -12.12 -18.52
C GLY C 236 16.09 -10.89 -19.33
N ASP C 237 14.82 -10.82 -19.72
CA ASP C 237 14.33 -9.71 -20.54
C ASP C 237 13.59 -8.67 -19.71
N GLY C 238 13.90 -8.62 -18.42
CA GLY C 238 13.22 -7.70 -17.53
C GLY C 238 11.95 -8.29 -16.93
N THR C 239 11.50 -9.43 -17.42
CA THR C 239 10.32 -10.07 -16.87
C THR C 239 10.69 -11.28 -16.04
N PHE C 240 9.68 -11.92 -15.46
CA PHE C 240 9.94 -13.01 -14.55
C PHE C 240 9.11 -14.23 -14.92
N GLN C 241 9.46 -15.37 -14.34
CA GLN C 241 8.70 -16.61 -14.50
C GLN C 241 8.50 -17.28 -13.14
N LYS C 242 7.47 -18.12 -13.02
CA LYS C 242 7.31 -18.98 -11.85
C LYS C 242 6.35 -20.08 -12.20
N TRP C 243 6.45 -21.23 -11.54
CA TRP C 243 5.45 -22.29 -11.74
C TRP C 243 5.12 -23.01 -10.47
N ALA C 244 3.94 -23.64 -10.45
CA ALA C 244 3.59 -24.47 -9.32
C ALA C 244 2.86 -25.73 -9.77
N SER C 245 3.41 -26.88 -9.39
CA SER C 245 2.89 -28.17 -9.86
C SER C 245 2.22 -28.93 -8.74
N VAL C 246 1.30 -29.80 -9.10
CA VAL C 246 0.60 -30.58 -8.12
C VAL C 246 0.42 -31.98 -8.68
N VAL C 247 0.52 -32.98 -7.80
CA VAL C 247 0.31 -34.35 -8.20
C VAL C 247 -1.14 -34.69 -8.05
N VAL C 248 -1.79 -34.90 -9.18
CA VAL C 248 -3.13 -35.46 -9.19
C VAL C 248 -3.05 -36.77 -9.93
N PRO C 249 -3.75 -37.80 -9.46
CA PRO C 249 -3.94 -38.96 -10.37
C PRO C 249 -4.60 -38.61 -11.71
N LEU C 250 -4.68 -39.62 -12.59
CA LEU C 250 -4.99 -39.45 -14.01
C LEU C 250 -6.47 -39.43 -14.35
N GLY C 251 -6.79 -38.73 -15.43
CA GLY C 251 -8.16 -38.61 -15.91
C GLY C 251 -8.94 -37.58 -15.14
N LYS C 252 -8.39 -37.19 -13.99
CA LYS C 252 -9.06 -36.25 -13.12
C LYS C 252 -8.34 -34.89 -13.12
N GLU C 253 -7.43 -34.71 -14.07
CA GLU C 253 -6.75 -33.44 -14.26
C GLU C 253 -7.75 -32.28 -14.37
N GLN C 254 -8.80 -32.52 -15.14
CA GLN C 254 -9.80 -31.51 -15.53
C GLN C 254 -10.76 -31.18 -14.42
N ASN C 255 -10.38 -31.55 -13.23
CA ASN C 255 -11.08 -31.28 -12.00
C ASN C 255 -10.39 -30.13 -11.30
N TYR C 256 -9.07 -30.17 -11.37
CA TYR C 256 -8.21 -29.20 -10.71
C TYR C 256 -8.15 -27.81 -11.35
N THR C 257 -8.09 -26.75 -10.56
CA THR C 257 -7.94 -25.43 -11.17
C THR C 257 -6.72 -24.70 -10.65
N CYS C 258 -6.22 -23.83 -11.52
CA CYS C 258 -5.07 -23.01 -11.22
C CYS C 258 -5.47 -21.55 -11.38
N ARG C 259 -5.29 -20.77 -10.31
CA ARG C 259 -5.49 -19.33 -10.40
C ARG C 259 -4.17 -18.58 -10.21
N VAL C 260 -4.00 -17.51 -10.98
CA VAL C 260 -2.83 -16.65 -10.84
C VAL C 260 -3.25 -15.26 -10.43
N TYR C 261 -2.69 -14.77 -9.33
CA TYR C 261 -2.89 -13.41 -8.88
C TYR C 261 -1.63 -12.58 -9.14
N HIS C 262 -1.79 -11.47 -9.85
CA HIS C 262 -0.67 -10.58 -10.09
C HIS C 262 -1.15 -9.16 -10.37
N GLU C 263 -0.43 -8.17 -9.88
CA GLU C 263 -0.90 -6.77 -9.89
C GLU C 263 -0.97 -6.14 -11.27
N GLY C 264 -0.36 -6.78 -12.25
CA GLY C 264 -0.48 -6.32 -13.62
C GLY C 264 -1.70 -6.89 -14.30
N LEU C 265 -2.55 -7.58 -13.55
CA LEU C 265 -3.71 -8.23 -14.17
C LEU C 265 -4.98 -7.44 -14.00
N PRO C 266 -5.81 -7.43 -15.04
CA PRO C 266 -7.14 -6.84 -14.86
C PRO C 266 -7.92 -7.61 -13.80
N GLU C 267 -7.65 -8.91 -13.72
CA GLU C 267 -8.29 -9.81 -12.77
C GLU C 267 -7.48 -11.09 -12.71
N PRO C 268 -7.63 -11.83 -11.61
CA PRO C 268 -6.88 -13.10 -11.53
C PRO C 268 -7.17 -14.01 -12.72
N LEU C 269 -6.14 -14.69 -13.24
CA LEU C 269 -6.31 -15.70 -14.27
C LEU C 269 -6.83 -17.00 -13.67
N THR C 270 -7.74 -17.64 -14.39
CA THR C 270 -8.25 -18.96 -14.02
C THR C 270 -8.06 -19.90 -15.19
N LEU C 271 -7.52 -21.08 -14.91
CA LEU C 271 -7.21 -21.98 -16.01
C LEU C 271 -6.99 -23.37 -15.49
N ARG C 272 -7.39 -24.35 -16.29
CA ARG C 272 -7.21 -25.73 -15.94
C ARG C 272 -6.57 -26.42 -17.12
N TRP C 273 -6.24 -27.69 -16.98
CA TRP C 273 -5.60 -28.36 -18.08
C TRP C 273 -6.58 -28.64 -19.22
N MET D 1 34.07 -19.82 7.73
CA MET D 1 32.99 -20.29 6.87
C MET D 1 31.63 -20.27 7.59
N ILE D 2 31.08 -19.08 7.76
CA ILE D 2 29.71 -18.90 8.28
C ILE D 2 28.89 -18.39 7.10
N GLN D 3 28.57 -19.31 6.19
CA GLN D 3 28.28 -18.98 4.80
C GLN D 3 27.12 -19.79 4.18
N LYS D 4 26.25 -19.09 3.45
CA LYS D 4 25.10 -19.72 2.79
C LYS D 4 25.48 -20.45 1.49
N THR D 5 24.81 -21.57 1.21
CA THR D 5 25.11 -22.46 0.07
C THR D 5 24.25 -22.13 -1.15
N PRO D 6 24.90 -21.91 -2.31
CA PRO D 6 24.14 -21.39 -3.45
C PRO D 6 22.93 -22.25 -3.81
N GLN D 7 21.92 -21.59 -4.34
CA GLN D 7 20.74 -22.22 -4.87
C GLN D 7 20.74 -21.93 -6.36
N ILE D 8 20.55 -22.95 -7.18
CA ILE D 8 20.76 -22.83 -8.63
C ILE D 8 19.54 -23.25 -9.43
N GLN D 9 19.16 -22.45 -10.42
CA GLN D 9 18.10 -22.85 -11.35
C GLN D 9 18.59 -22.71 -12.76
N VAL D 10 18.49 -23.75 -13.57
CA VAL D 10 18.81 -23.61 -14.99
C VAL D 10 17.51 -23.71 -15.80
N TYR D 11 17.26 -22.76 -16.71
CA TYR D 11 15.97 -22.76 -17.41
C TYR D 11 15.90 -21.87 -18.65
N SER D 12 14.96 -22.18 -19.54
CA SER D 12 14.84 -21.49 -20.82
C SER D 12 14.23 -20.09 -20.64
N ARG D 13 14.67 -19.11 -21.42
CA ARG D 13 13.99 -17.81 -21.37
C ARG D 13 12.59 -17.94 -21.92
N HIS D 14 12.49 -18.25 -23.21
CA HIS D 14 11.20 -18.52 -23.85
C HIS D 14 10.97 -20.04 -23.82
N PRO D 15 9.72 -20.50 -23.96
CA PRO D 15 9.49 -21.95 -23.95
C PRO D 15 10.34 -22.67 -24.97
N PRO D 16 10.95 -23.80 -24.57
CA PRO D 16 11.96 -24.49 -25.37
C PRO D 16 11.34 -25.17 -26.57
N GLU D 17 11.95 -25.01 -27.72
CA GLU D 17 11.45 -25.64 -28.93
C GLU D 17 12.66 -26.14 -29.68
N ASN D 18 12.78 -27.47 -29.75
CA ASN D 18 13.90 -28.08 -30.42
C ASN D 18 14.04 -27.40 -31.78
N GLY D 19 15.24 -26.93 -32.10
CA GLY D 19 15.47 -26.29 -33.37
C GLY D 19 15.16 -24.80 -33.43
N LYS D 20 14.65 -24.22 -32.34
CA LYS D 20 14.45 -22.77 -32.32
C LYS D 20 15.37 -22.07 -31.31
N PRO D 21 16.15 -21.06 -31.79
CA PRO D 21 17.07 -20.30 -30.94
C PRO D 21 16.38 -19.73 -29.72
N ASN D 22 17.15 -19.51 -28.66
CA ASN D 22 16.58 -19.28 -27.36
C ASN D 22 17.68 -18.83 -26.40
N ILE D 23 17.32 -18.60 -25.15
CA ILE D 23 18.28 -18.17 -24.18
C ILE D 23 18.21 -19.09 -23.00
N LEU D 24 19.36 -19.58 -22.57
CA LEU D 24 19.43 -20.42 -21.37
C LEU D 24 19.98 -19.61 -20.20
N ASN D 25 19.27 -19.69 -19.09
CA ASN D 25 19.63 -18.99 -17.86
C ASN D 25 20.14 -19.89 -16.72
N CYS D 26 21.21 -19.45 -16.07
CA CYS D 26 21.62 -20.07 -14.84
C CYS D 26 21.45 -19.01 -13.77
N TYR D 27 20.49 -19.19 -12.85
CA TYR D 27 20.16 -18.17 -11.88
C TYR D 27 20.60 -18.72 -10.52
N VAL D 28 21.55 -18.04 -9.92
CA VAL D 28 22.20 -18.54 -8.72
C VAL D 28 21.91 -17.56 -7.59
N THR D 29 21.39 -18.03 -6.46
CA THR D 29 20.95 -17.13 -5.39
C THR D 29 21.30 -17.64 -4.00
N GLN D 30 20.97 -16.82 -3.03
CA GLN D 30 21.08 -17.19 -1.63
C GLN D 30 22.48 -17.64 -1.22
N PHE D 31 23.53 -17.08 -1.82
CA PHE D 31 24.88 -17.44 -1.41
C PHE D 31 25.68 -16.28 -0.79
N HIS D 32 26.54 -16.64 0.15
CA HIS D 32 27.45 -15.71 0.81
C HIS D 32 28.67 -16.54 1.21
N PRO D 33 29.89 -16.03 1.01
CA PRO D 33 30.35 -14.70 0.59
C PRO D 33 30.17 -14.53 -0.92
N PRO D 34 30.31 -13.28 -1.40
CA PRO D 34 29.97 -12.95 -2.80
C PRO D 34 30.81 -13.63 -3.85
N HIS D 35 32.01 -14.13 -3.54
CA HIS D 35 32.80 -14.76 -4.61
C HIS D 35 32.24 -16.12 -5.11
N ILE D 36 32.10 -16.25 -6.42
CA ILE D 36 31.51 -17.45 -7.02
C ILE D 36 32.02 -17.59 -8.44
N GLU D 37 32.05 -18.82 -8.96
CA GLU D 37 32.49 -19.06 -10.34
C GLU D 37 31.46 -19.90 -11.07
N ILE D 38 31.18 -19.53 -12.32
CA ILE D 38 30.01 -20.07 -12.98
C ILE D 38 30.28 -20.39 -14.44
N GLN D 39 30.01 -21.65 -14.80
CA GLN D 39 30.27 -22.15 -16.14
C GLN D 39 28.98 -22.69 -16.70
N MET D 40 28.66 -22.36 -17.95
CA MET D 40 27.56 -23.03 -18.60
C MET D 40 28.08 -23.96 -19.69
N LEU D 41 27.43 -25.13 -19.75
CA LEU D 41 27.96 -26.29 -20.46
C LEU D 41 27.01 -26.78 -21.52
N LYS D 42 27.55 -27.04 -22.70
CA LYS D 42 26.81 -27.78 -23.67
C LYS D 42 27.51 -29.12 -23.80
N ASN D 43 26.81 -30.18 -23.41
CA ASN D 43 27.32 -31.55 -23.49
C ASN D 43 28.64 -31.75 -22.72
N GLY D 44 28.77 -31.03 -21.62
CA GLY D 44 29.95 -31.14 -20.78
C GLY D 44 30.99 -30.08 -21.09
N LYS D 45 30.81 -29.41 -22.22
CA LYS D 45 31.81 -28.49 -22.75
C LYS D 45 31.50 -27.03 -22.40
N LYS D 46 32.47 -26.38 -21.78
CA LYS D 46 32.31 -24.99 -21.35
C LYS D 46 31.84 -24.15 -22.52
N ILE D 47 30.75 -23.40 -22.33
CA ILE D 47 30.33 -22.42 -23.33
C ILE D 47 31.11 -21.12 -23.15
N PRO D 48 31.83 -20.70 -24.20
CA PRO D 48 32.82 -19.63 -24.09
C PRO D 48 32.22 -18.25 -23.86
N LYS D 49 31.20 -17.88 -24.61
CA LYS D 49 30.64 -16.56 -24.42
C LYS D 49 29.38 -16.59 -23.59
N VAL D 50 29.58 -16.64 -22.28
CA VAL D 50 28.52 -16.61 -21.30
C VAL D 50 28.54 -15.25 -20.60
N GLU D 51 27.40 -14.59 -20.56
CA GLU D 51 27.28 -13.25 -20.04
C GLU D 51 26.75 -13.24 -18.60
N MET D 52 27.33 -12.40 -17.73
CA MET D 52 26.92 -12.36 -16.32
C MET D 52 26.45 -10.97 -15.84
N SER D 53 25.36 -10.95 -15.08
CA SER D 53 24.89 -9.71 -14.48
C SER D 53 25.78 -9.31 -13.34
N ASP D 54 25.81 -8.01 -13.05
CA ASP D 54 26.73 -7.48 -12.06
C ASP D 54 26.33 -7.87 -10.64
N MET D 55 27.29 -7.89 -9.72
CA MET D 55 27.00 -8.51 -8.44
C MET D 55 25.96 -7.71 -7.68
N SER D 56 25.03 -8.43 -7.03
CA SER D 56 23.91 -7.81 -6.34
C SER D 56 23.49 -8.66 -5.16
N PHE D 57 22.98 -8.03 -4.11
CA PHE D 57 22.46 -8.78 -2.96
C PHE D 57 21.02 -8.38 -2.63
N SER D 58 20.26 -9.37 -2.19
CA SER D 58 18.84 -9.22 -1.87
C SER D 58 18.67 -8.73 -0.43
N LYS D 59 17.43 -8.52 0.01
CA LYS D 59 17.22 -7.88 1.30
C LYS D 59 17.53 -8.80 2.51
N ASP D 60 17.85 -10.07 2.24
CA ASP D 60 18.31 -11.00 3.28
C ASP D 60 19.86 -11.00 3.38
N TRP D 61 20.46 -10.04 2.66
CA TRP D 61 21.91 -9.84 2.55
C TRP D 61 22.58 -10.90 1.68
N SER D 62 21.82 -11.89 1.20
CA SER D 62 22.40 -12.95 0.39
C SER D 62 22.62 -12.41 -1.02
N PHE D 63 23.64 -12.94 -1.70
CA PHE D 63 23.99 -12.43 -3.02
C PHE D 63 23.32 -13.27 -4.09
N TYR D 64 23.23 -12.75 -5.31
CA TYR D 64 22.71 -13.53 -6.42
C TYR D 64 23.41 -13.12 -7.70
N ILE D 65 23.18 -13.88 -8.76
CA ILE D 65 23.73 -13.56 -10.08
C ILE D 65 22.95 -14.34 -11.16
N LEU D 66 22.92 -13.82 -12.39
CA LEU D 66 22.25 -14.53 -13.48
C LEU D 66 23.17 -14.66 -14.67
N ALA D 67 23.68 -15.87 -14.86
CA ALA D 67 24.49 -16.20 -16.02
C ALA D 67 23.55 -16.52 -17.16
N HIS D 68 23.92 -16.24 -18.40
CA HIS D 68 23.03 -16.65 -19.48
C HIS D 68 23.71 -16.73 -20.84
N THR D 69 23.28 -17.66 -21.68
CA THR D 69 23.87 -17.75 -23.02
C THR D 69 22.81 -18.00 -24.08
N GLU D 70 23.13 -17.70 -25.34
CA GLU D 70 22.27 -18.13 -26.43
C GLU D 70 22.37 -19.64 -26.58
N PHE D 71 21.30 -20.29 -27.00
CA PHE D 71 21.36 -21.71 -27.31
C PHE D 71 20.17 -22.17 -28.12
N THR D 72 20.32 -23.34 -28.73
CA THR D 72 19.22 -23.97 -29.42
C THR D 72 19.02 -25.37 -28.90
N PRO D 73 17.92 -25.57 -28.17
CA PRO D 73 17.61 -26.87 -27.57
C PRO D 73 17.39 -27.91 -28.65
N THR D 74 17.85 -29.13 -28.40
CA THR D 74 17.56 -30.25 -29.27
C THR D 74 17.08 -31.42 -28.46
N GLU D 75 16.81 -32.50 -29.16
CA GLU D 75 16.36 -33.72 -28.53
C GLU D 75 17.46 -34.29 -27.64
N THR D 76 18.73 -34.13 -28.01
CA THR D 76 19.77 -34.87 -27.30
C THR D 76 20.71 -34.06 -26.42
N ASP D 77 20.93 -32.78 -26.76
CA ASP D 77 21.94 -31.93 -26.11
C ASP D 77 21.75 -31.63 -24.62
N THR D 78 22.72 -32.01 -23.79
CA THR D 78 22.64 -31.63 -22.38
C THR D 78 23.23 -30.24 -22.09
N TYR D 79 22.49 -29.44 -21.33
CA TYR D 79 22.98 -28.16 -20.91
C TYR D 79 23.07 -28.12 -19.42
N ALA D 80 24.19 -27.63 -18.92
CA ALA D 80 24.37 -27.68 -17.49
C ALA D 80 24.92 -26.35 -16.99
N CYS D 81 24.97 -26.20 -15.66
CA CYS D 81 25.54 -25.00 -15.07
C CYS D 81 26.40 -25.44 -13.89
N ARG D 82 27.71 -25.33 -13.99
CA ARG D 82 28.55 -25.74 -12.88
C ARG D 82 28.94 -24.53 -12.07
N VAL D 83 28.87 -24.69 -10.76
CA VAL D 83 29.01 -23.57 -9.85
C VAL D 83 30.02 -23.89 -8.73
N LYS D 84 31.03 -23.04 -8.63
CA LYS D 84 32.07 -23.25 -7.64
C LYS D 84 31.96 -22.15 -6.61
N HIS D 85 31.85 -22.56 -5.35
CA HIS D 85 31.67 -21.64 -4.23
C HIS D 85 32.14 -22.28 -2.93
N ASP D 86 32.77 -21.49 -2.08
CA ASP D 86 33.44 -22.00 -0.88
C ASP D 86 32.55 -22.76 0.09
N SER D 87 31.25 -22.46 0.09
CA SER D 87 30.29 -23.20 0.91
C SER D 87 30.05 -24.64 0.40
N MET D 88 30.75 -25.04 -0.66
CA MET D 88 30.61 -26.39 -1.20
C MET D 88 31.95 -27.07 -1.31
N ALA D 89 31.94 -28.40 -1.17
CA ALA D 89 33.18 -29.15 -1.08
C ALA D 89 33.76 -29.28 -2.47
N GLU D 90 32.87 -29.54 -3.42
CA GLU D 90 33.21 -29.63 -4.84
C GLU D 90 32.18 -28.81 -5.61
N PRO D 91 32.44 -28.52 -6.89
CA PRO D 91 31.45 -27.69 -7.61
C PRO D 91 30.10 -28.40 -7.72
N LYS D 92 29.00 -27.71 -7.95
CA LYS D 92 27.77 -28.43 -8.32
C LYS D 92 27.50 -28.24 -9.79
N THR D 93 27.28 -29.33 -10.50
CA THR D 93 26.72 -29.17 -11.83
C THR D 93 25.21 -29.38 -11.73
N VAL D 94 24.43 -28.38 -12.10
CA VAL D 94 22.99 -28.57 -12.19
C VAL D 94 22.53 -28.59 -13.65
N TYR D 95 21.89 -29.68 -14.06
CA TYR D 95 21.49 -29.90 -15.45
C TYR D 95 20.16 -29.26 -15.83
N TRP D 96 20.05 -28.76 -17.05
CA TRP D 96 18.81 -28.15 -17.50
C TRP D 96 17.72 -29.22 -17.63
N ASP D 97 16.54 -28.95 -17.08
CA ASP D 97 15.41 -29.85 -17.26
C ASP D 97 14.27 -29.06 -17.91
N ARG D 98 13.98 -29.34 -19.18
CA ARG D 98 13.10 -28.45 -19.93
C ARG D 98 11.66 -28.42 -19.41
N ASP D 99 11.29 -29.42 -18.60
CA ASP D 99 9.97 -29.39 -17.99
C ASP D 99 9.97 -28.57 -16.69
N MET D 100 11.00 -27.77 -16.47
CA MET D 100 11.13 -27.07 -15.19
C MET D 100 11.61 -25.62 -15.36
N TYR E 1 -22.10 -8.37 -0.30
CA TYR E 1 -22.46 -9.60 0.39
C TYR E 1 -22.19 -9.45 1.89
N GLN E 2 -23.26 -9.29 2.64
CA GLN E 2 -23.16 -8.82 4.00
C GLN E 2 -22.62 -9.89 4.95
N LEU E 3 -21.90 -9.43 5.98
CA LEU E 3 -21.45 -10.30 7.08
C LEU E 3 -22.63 -10.64 7.98
N GLU E 4 -22.68 -11.86 8.51
CA GLU E 4 -23.76 -12.17 9.43
C GLU E 4 -23.18 -12.46 10.79
N ASN E 5 -23.57 -11.68 11.79
CA ASN E 5 -22.86 -11.70 13.07
C ASN E 5 -23.07 -13.02 13.80
N TYR E 6 -22.15 -13.30 14.73
CA TYR E 6 -22.24 -14.48 15.57
C TYR E 6 -22.82 -14.10 16.94
N CYS E 7 -21.97 -14.10 17.97
CA CYS E 7 -22.41 -13.75 19.33
C CYS E 7 -22.72 -12.25 19.42
N GLY E 8 -23.83 -11.93 20.06
CA GLY E 8 -24.17 -10.55 20.31
C GLY E 8 -23.22 -9.91 21.29
N LEU E 9 -23.24 -8.57 21.35
CA LEU E 9 -22.36 -7.87 22.28
C LEU E 9 -22.69 -8.28 23.72
N TYR F 1 21.24 10.04 -5.21
CA TYR F 1 21.94 10.92 -4.28
C TYR F 1 22.26 10.16 -3.00
N GLN F 2 23.52 9.78 -2.88
CA GLN F 2 23.92 8.79 -1.89
C GLN F 2 24.09 9.38 -0.50
N LEU F 3 23.71 8.59 0.51
CA LEU F 3 23.92 8.94 1.90
C LEU F 3 25.40 8.93 2.22
N GLU F 4 25.86 9.78 3.15
CA GLU F 4 27.26 9.79 3.58
C GLU F 4 27.35 9.52 5.07
N ASN F 5 27.96 8.39 5.42
CA ASN F 5 27.92 7.93 6.79
C ASN F 5 28.74 8.79 7.77
N TYR F 6 28.22 8.88 8.99
CA TYR F 6 28.82 9.69 10.04
C TYR F 6 29.73 8.77 10.88
N CYS F 7 29.33 8.50 12.13
CA CYS F 7 30.12 7.69 13.06
C CYS F 7 30.33 6.25 12.60
N GLY F 8 31.59 5.82 12.58
CA GLY F 8 31.93 4.49 12.15
C GLY F 8 31.53 3.42 13.13
N LEU F 9 31.62 2.17 12.69
CA LEU F 9 31.25 1.03 13.53
C LEU F 9 32.31 0.79 14.60
#